data_2IRF
#
_entry.id   2IRF
#
_cell.length_a   132.300
_cell.length_b   132.300
_cell.length_c   296.500
_cell.angle_alpha   90.00
_cell.angle_beta   90.00
_cell.angle_gamma   120.00
#
_symmetry.space_group_name_H-M   'P 65 2 2'
#
loop_
_entity.id
_entity.type
_entity.pdbx_description
1 polymer "DNA (5'-D(P*AP*AP*GP*TP*GP*AP*AP*AP*GP*(5IU)P*GP*A)-3')"
2 polymer "DNA (5'-D(*TP*TP*CP*AP*CP*TP*TP*TP*CP*AP*CP*(5IU)P*T)-3')"
3 polymer 'INTERFERON REGULATORY FACTOR 2'
4 non-polymer 'POTASSIUM ION'
5 water water
#
loop_
_entity_poly.entity_id
_entity_poly.type
_entity_poly.pdbx_seq_one_letter_code
_entity_poly.pdbx_strand_id
1 'polydeoxyribonucleotide' (DA)(DA)(DG)(DT)(DG)(DA)(DA)(DA)(DG)(5IU)(DG)(DA) A,B,C
2 'polydeoxyribonucleotide' (DT)(DT)(DC)(DA)(DC)(DT)(DT)(DT)(DC)(DA)(DC)(5IU)(DT) D,E,F
3 'polypeptide(L)'
;MPVERMRMRPWLEEQINSNTIPGLKWLNKEKKIFQIPWMHAARHGWDVEKDAPLFRNWAIHTGKHQPGIDKPDPKTWKAN
FRCAMNSLPDIEEVKDRSIKKGNNAFRVYRMLP
;
G,H,I,J,K,L
#
# COMPACT_ATOMS: atom_id res chain seq x y z
N ARG G 5 -3.95 -27.67 -22.61
CA ARG G 5 -4.59 -26.73 -21.64
C ARG G 5 -6.10 -26.93 -21.58
N MET G 6 -6.68 -27.43 -22.66
CA MET G 6 -8.13 -27.68 -22.71
C MET G 6 -8.48 -28.81 -21.75
N ARG G 7 -9.38 -28.53 -20.81
CA ARG G 7 -9.81 -29.53 -19.84
C ARG G 7 -10.49 -30.73 -20.49
N MET G 8 -10.55 -31.84 -19.74
CA MET G 8 -11.11 -33.08 -20.26
C MET G 8 -12.51 -33.05 -20.86
N ARG G 9 -13.48 -32.42 -20.20
CA ARG G 9 -14.84 -32.41 -20.74
C ARG G 9 -14.96 -31.72 -22.10
N PRO G 10 -14.56 -30.43 -22.20
CA PRO G 10 -14.67 -29.78 -23.52
C PRO G 10 -13.84 -30.51 -24.58
N TRP G 11 -12.70 -31.06 -24.17
CA TRP G 11 -11.82 -31.81 -25.07
C TRP G 11 -12.55 -33.06 -25.57
N LEU G 12 -13.28 -33.71 -24.65
CA LEU G 12 -14.03 -34.92 -24.95
C LEU G 12 -15.17 -34.64 -25.91
N GLU G 13 -15.89 -33.54 -25.71
CA GLU G 13 -16.99 -33.18 -26.61
C GLU G 13 -16.44 -33.03 -28.02
N GLU G 14 -15.30 -32.37 -28.13
CA GLU G 14 -14.64 -32.13 -29.41
C GLU G 14 -14.22 -33.46 -30.06
N GLN G 15 -13.84 -34.44 -29.24
CA GLN G 15 -13.44 -35.76 -29.73
C GLN G 15 -14.65 -36.51 -30.26
N ILE G 16 -15.76 -36.42 -29.53
CA ILE G 16 -17.01 -37.08 -29.93
C ILE G 16 -17.54 -36.46 -31.21
N ASN G 17 -17.62 -35.14 -31.22
CA ASN G 17 -18.13 -34.38 -32.34
C ASN G 17 -17.31 -34.53 -33.62
N SER G 18 -16.03 -34.86 -33.48
CA SER G 18 -15.16 -35.03 -34.63
C SER G 18 -15.36 -36.35 -35.37
N ASN G 19 -16.00 -37.31 -34.71
CA ASN G 19 -16.27 -38.63 -35.27
C ASN G 19 -14.99 -39.33 -35.72
N THR G 20 -13.86 -38.94 -35.13
CA THR G 20 -12.57 -39.53 -35.47
C THR G 20 -12.18 -40.72 -34.59
N ILE G 21 -12.99 -41.00 -33.58
CA ILE G 21 -12.72 -42.12 -32.67
C ILE G 21 -13.77 -43.19 -32.90
N PRO G 22 -13.35 -44.37 -33.38
CA PRO G 22 -14.27 -45.49 -33.64
C PRO G 22 -15.03 -45.89 -32.38
N GLY G 23 -16.36 -45.81 -32.42
CA GLY G 23 -17.17 -46.16 -31.27
C GLY G 23 -17.60 -44.99 -30.40
N LEU G 24 -16.85 -43.89 -30.44
CA LEU G 24 -17.16 -42.71 -29.64
C LEU G 24 -18.22 -41.86 -30.33
N LYS G 25 -19.44 -41.93 -29.83
CA LYS G 25 -20.57 -41.21 -30.41
C LYS G 25 -21.62 -40.86 -29.36
N TRP G 26 -22.49 -39.92 -29.70
CA TRP G 26 -23.58 -39.52 -28.81
C TRP G 26 -24.72 -40.53 -28.96
N LEU G 27 -25.31 -40.94 -27.84
CA LEU G 27 -26.45 -41.85 -27.89
C LEU G 27 -27.68 -40.96 -27.99
N ASN G 28 -27.56 -39.78 -27.41
CA ASN G 28 -28.61 -38.76 -27.43
C ASN G 28 -27.83 -37.45 -27.26
N LYS G 29 -27.58 -36.76 -28.37
CA LYS G 29 -26.82 -35.51 -28.33
C LYS G 29 -27.48 -34.41 -27.50
N GLU G 30 -28.82 -34.39 -27.55
CA GLU G 30 -29.60 -33.40 -26.81
C GLU G 30 -29.36 -33.50 -25.31
N LYS G 31 -29.56 -34.69 -24.75
CA LYS G 31 -29.35 -34.93 -23.32
C LYS G 31 -27.88 -35.18 -22.98
N LYS G 32 -27.02 -35.03 -23.98
CA LYS G 32 -25.58 -35.22 -23.82
C LYS G 32 -25.14 -36.58 -23.31
N ILE G 33 -25.93 -37.60 -23.66
CA ILE G 33 -25.61 -38.97 -23.29
C ILE G 33 -24.80 -39.54 -24.45
N PHE G 34 -23.63 -40.09 -24.15
CA PHE G 34 -22.77 -40.66 -25.17
C PHE G 34 -22.18 -41.97 -24.70
N GLN G 35 -21.50 -42.67 -25.60
CA GLN G 35 -20.88 -43.94 -25.22
C GLN G 35 -19.42 -43.96 -25.64
N ILE G 36 -18.60 -44.60 -24.81
CA ILE G 36 -17.18 -44.72 -25.06
C ILE G 36 -16.88 -46.20 -25.27
N PRO G 37 -16.13 -46.55 -26.33
CA PRO G 37 -15.81 -47.96 -26.57
C PRO G 37 -14.89 -48.39 -25.43
N TRP G 38 -15.14 -49.56 -24.88
CA TRP G 38 -14.36 -50.05 -23.75
C TRP G 38 -14.02 -51.54 -23.85
N MET G 39 -13.43 -51.95 -24.97
CA MET G 39 -13.08 -53.35 -25.14
C MET G 39 -11.83 -53.73 -24.33
N HIS G 40 -11.92 -54.87 -23.66
CA HIS G 40 -10.82 -55.38 -22.83
C HIS G 40 -9.62 -55.68 -23.74
N ALA G 41 -8.43 -55.25 -23.31
CA ALA G 41 -7.21 -55.43 -24.08
C ALA G 41 -6.69 -56.87 -24.11
N ALA G 42 -7.32 -57.76 -23.35
CA ALA G 42 -6.93 -59.17 -23.31
C ALA G 42 -7.82 -59.98 -24.26
N ARG G 43 -8.97 -59.41 -24.61
CA ARG G 43 -9.91 -60.06 -25.50
C ARG G 43 -9.51 -60.03 -26.98
N HIS G 44 -9.63 -61.18 -27.64
CA HIS G 44 -9.30 -61.34 -29.06
C HIS G 44 -10.14 -60.36 -29.86
N GLY G 45 -9.49 -59.65 -30.77
CA GLY G 45 -10.18 -58.67 -31.57
C GLY G 45 -9.76 -57.28 -31.19
N TRP G 46 -9.12 -57.15 -30.03
CA TRP G 46 -8.65 -55.86 -29.55
C TRP G 46 -7.47 -55.45 -30.41
N ASP G 47 -7.40 -54.15 -30.69
CA ASP G 47 -6.35 -53.58 -31.51
C ASP G 47 -6.10 -52.17 -30.95
N VAL G 48 -4.83 -51.80 -30.84
CA VAL G 48 -4.48 -50.49 -30.31
C VAL G 48 -5.09 -49.34 -31.11
N GLU G 49 -5.07 -49.47 -32.44
CA GLU G 49 -5.61 -48.45 -33.35
C GLU G 49 -7.12 -48.32 -33.33
N LYS G 50 -7.80 -49.44 -33.09
CA LYS G 50 -9.26 -49.45 -33.07
C LYS G 50 -9.86 -49.19 -31.70
N ASP G 51 -9.22 -49.69 -30.65
CA ASP G 51 -9.76 -49.56 -29.29
C ASP G 51 -9.11 -48.54 -28.35
N ALA G 52 -7.88 -48.15 -28.61
CA ALA G 52 -7.21 -47.20 -27.74
C ALA G 52 -6.94 -45.77 -28.27
N PRO G 53 -7.40 -45.43 -29.50
CA PRO G 53 -7.12 -44.07 -29.98
C PRO G 53 -7.55 -42.92 -29.06
N LEU G 54 -8.69 -43.06 -28.39
CA LEU G 54 -9.16 -42.03 -27.47
C LEU G 54 -8.26 -41.89 -26.26
N PHE G 55 -7.79 -43.03 -25.74
CA PHE G 55 -6.92 -43.05 -24.57
C PHE G 55 -5.56 -42.49 -24.94
N ARG G 56 -5.09 -42.81 -26.14
CA ARG G 56 -3.81 -42.34 -26.64
C ARG G 56 -3.88 -40.81 -26.83
N ASN G 57 -4.98 -40.33 -27.41
CA ASN G 57 -5.20 -38.91 -27.65
C ASN G 57 -5.15 -38.08 -26.38
N TRP G 58 -5.72 -38.63 -25.30
CA TRP G 58 -5.71 -37.93 -24.02
C TRP G 58 -4.28 -37.88 -23.48
N ALA G 59 -3.54 -38.97 -23.67
CA ALA G 59 -2.17 -39.07 -23.23
C ALA G 59 -1.28 -38.09 -23.99
N ILE G 60 -1.53 -37.94 -25.28
CA ILE G 60 -0.76 -37.03 -26.11
C ILE G 60 -1.11 -35.60 -25.70
N HIS G 61 -2.40 -35.35 -25.55
CA HIS G 61 -2.92 -34.05 -25.18
C HIS G 61 -2.39 -33.56 -23.84
N THR G 62 -2.15 -34.49 -22.92
CA THR G 62 -1.65 -34.16 -21.59
C THR G 62 -0.15 -34.37 -21.41
N GLY G 63 0.56 -34.59 -22.52
CA GLY G 63 2.00 -34.76 -22.47
C GLY G 63 2.52 -36.06 -21.90
N LYS G 64 1.63 -37.02 -21.65
CA LYS G 64 2.03 -38.30 -21.09
C LYS G 64 2.53 -39.29 -22.14
N HIS G 65 2.31 -38.98 -23.41
CA HIS G 65 2.78 -39.82 -24.50
C HIS G 65 3.24 -38.98 -25.67
N GLN G 66 4.47 -39.25 -26.12
CA GLN G 66 5.06 -38.55 -27.25
C GLN G 66 5.26 -39.59 -28.34
N PRO G 67 4.40 -39.59 -29.36
CA PRO G 67 4.49 -40.54 -30.47
C PRO G 67 5.90 -40.64 -31.03
N GLY G 68 6.43 -41.86 -31.07
CA GLY G 68 7.77 -42.09 -31.57
C GLY G 68 8.82 -42.11 -30.46
N ILE G 69 8.66 -41.24 -29.46
CA ILE G 69 9.60 -41.19 -28.35
C ILE G 69 9.24 -42.19 -27.26
N ASP G 70 8.03 -42.08 -26.72
CA ASP G 70 7.56 -43.00 -25.68
C ASP G 70 7.01 -44.30 -26.25
N LYS G 71 7.30 -45.41 -25.56
CA LYS G 71 6.81 -46.72 -25.96
C LYS G 71 5.31 -46.77 -25.66
N PRO G 72 4.50 -47.26 -26.61
CA PRO G 72 3.05 -47.36 -26.40
C PRO G 72 2.69 -48.07 -25.09
N ASP G 73 1.82 -47.44 -24.30
CA ASP G 73 1.38 -47.99 -23.03
C ASP G 73 -0.14 -47.86 -22.89
N PRO G 74 -0.91 -48.61 -23.70
CA PRO G 74 -2.38 -48.64 -23.74
C PRO G 74 -3.04 -48.83 -22.37
N LYS G 75 -2.44 -49.70 -21.55
CA LYS G 75 -2.94 -49.99 -20.21
C LYS G 75 -2.98 -48.75 -19.33
N THR G 76 -1.89 -47.96 -19.37
CA THR G 76 -1.82 -46.73 -18.59
C THR G 76 -2.71 -45.66 -19.20
N TRP G 77 -2.72 -45.57 -20.52
CA TRP G 77 -3.56 -44.58 -21.21
C TRP G 77 -5.02 -44.77 -20.79
N LYS G 78 -5.44 -46.03 -20.74
CA LYS G 78 -6.82 -46.36 -20.36
C LYS G 78 -7.08 -46.09 -18.88
N ALA G 79 -6.16 -46.51 -18.01
CA ALA G 79 -6.33 -46.31 -16.57
C ALA G 79 -6.34 -44.81 -16.23
N ASN G 80 -5.46 -44.06 -16.87
CA ASN G 80 -5.36 -42.61 -16.67
C ASN G 80 -6.65 -41.92 -17.11
N PHE G 81 -7.18 -42.36 -18.24
CA PHE G 81 -8.41 -41.80 -18.81
C PHE G 81 -9.59 -42.09 -17.90
N ARG G 82 -9.70 -43.33 -17.43
CA ARG G 82 -10.79 -43.73 -16.56
C ARG G 82 -10.77 -42.93 -15.25
N CYS G 83 -9.60 -42.84 -14.62
CA CYS G 83 -9.47 -42.11 -13.36
C CYS G 83 -9.86 -40.64 -13.58
N ALA G 84 -9.37 -40.05 -14.66
CA ALA G 84 -9.69 -38.66 -14.99
C ALA G 84 -11.21 -38.50 -15.17
N MET G 85 -11.83 -39.48 -15.82
CA MET G 85 -13.29 -39.47 -16.02
C MET G 85 -14.03 -39.54 -14.69
N ASN G 86 -13.54 -40.41 -13.80
CA ASN G 86 -14.13 -40.60 -12.47
C ASN G 86 -14.13 -39.28 -11.68
N SER G 87 -13.04 -38.52 -11.80
CA SER G 87 -12.90 -37.27 -11.07
C SER G 87 -13.72 -36.08 -11.57
N LEU G 88 -14.21 -36.14 -12.81
CA LEU G 88 -14.99 -35.03 -13.38
C LEU G 88 -16.34 -34.87 -12.67
N PRO G 89 -16.63 -33.65 -12.22
CA PRO G 89 -17.89 -33.39 -11.53
C PRO G 89 -19.09 -33.27 -12.47
N ASP G 90 -18.83 -32.97 -13.74
CA ASP G 90 -19.90 -32.79 -14.73
C ASP G 90 -20.12 -33.91 -15.73
N ILE G 91 -19.58 -35.09 -15.44
CA ILE G 91 -19.77 -36.26 -16.31
C ILE G 91 -19.88 -37.46 -15.39
N GLU G 92 -20.97 -38.20 -15.50
CA GLU G 92 -21.14 -39.39 -14.66
C GLU G 92 -21.55 -40.56 -15.54
N GLU G 93 -21.21 -41.75 -15.09
CA GLU G 93 -21.54 -42.95 -15.83
C GLU G 93 -22.99 -43.38 -15.61
N VAL G 94 -23.60 -43.88 -16.68
CA VAL G 94 -24.96 -44.38 -16.63
C VAL G 94 -24.73 -45.88 -16.69
N LYS G 95 -24.42 -46.46 -15.53
CA LYS G 95 -24.13 -47.88 -15.40
C LYS G 95 -25.19 -48.87 -15.88
N ASP G 96 -26.46 -48.49 -15.79
CA ASP G 96 -27.54 -49.39 -16.23
C ASP G 96 -27.49 -49.63 -17.74
N ARG G 97 -26.88 -48.71 -18.48
CA ARG G 97 -26.78 -48.83 -19.93
C ARG G 97 -25.41 -49.36 -20.38
N SER G 98 -24.38 -49.15 -19.56
CA SER G 98 -23.02 -49.61 -19.88
C SER G 98 -22.93 -51.13 -19.96
N ILE G 99 -22.06 -51.62 -20.83
CA ILE G 99 -21.83 -53.05 -21.01
C ILE G 99 -20.35 -53.22 -21.31
N LYS G 100 -19.52 -53.09 -20.27
CA LYS G 100 -18.06 -53.21 -20.40
C LYS G 100 -17.51 -54.64 -20.47
N LYS G 101 -18.36 -55.59 -20.87
CA LYS G 101 -17.98 -56.99 -21.01
C LYS G 101 -18.24 -57.45 -22.44
N GLY G 102 -17.64 -58.57 -22.81
CA GLY G 102 -17.83 -59.12 -24.14
C GLY G 102 -17.18 -58.35 -25.27
N ASN G 103 -17.50 -58.76 -26.50
CA ASN G 103 -16.96 -58.13 -27.69
C ASN G 103 -17.66 -56.79 -27.91
N ASN G 104 -16.89 -55.81 -28.35
CA ASN G 104 -17.38 -54.46 -28.60
C ASN G 104 -18.04 -53.87 -27.35
N ALA G 105 -17.35 -54.03 -26.23
CA ALA G 105 -17.80 -53.53 -24.93
C ALA G 105 -17.76 -52.01 -24.96
N PHE G 106 -18.61 -51.37 -24.15
CA PHE G 106 -18.66 -49.92 -24.10
C PHE G 106 -19.23 -49.44 -22.77
N ARG G 107 -19.05 -48.15 -22.51
CA ARG G 107 -19.57 -47.53 -21.31
C ARG G 107 -20.41 -46.33 -21.74
N VAL G 108 -21.48 -46.06 -21.00
CA VAL G 108 -22.34 -44.93 -21.33
C VAL G 108 -22.19 -43.86 -20.25
N TYR G 109 -22.06 -42.62 -20.70
CA TYR G 109 -21.90 -41.48 -19.80
C TYR G 109 -22.87 -40.37 -20.18
N ARG G 110 -23.19 -39.52 -19.22
CA ARG G 110 -24.06 -38.38 -19.46
C ARG G 110 -23.34 -37.16 -18.92
N MET G 111 -23.28 -36.10 -19.73
CA MET G 111 -22.63 -34.87 -19.31
C MET G 111 -23.66 -33.99 -18.61
N LEU G 112 -23.39 -33.73 -17.33
CA LEU G 112 -24.26 -32.92 -16.49
C LEU G 112 -24.40 -31.48 -16.92
N PRO G 113 -25.63 -31.04 -17.16
CA PRO G 113 -25.96 -29.67 -17.59
C PRO G 113 -25.66 -28.67 -16.47
N ARG H 5 10.95 -14.79 9.98
CA ARG H 5 11.01 -16.27 9.83
C ARG H 5 12.17 -16.66 8.92
N MET H 6 12.88 -17.72 9.27
CA MET H 6 13.99 -18.21 8.48
C MET H 6 13.46 -18.72 7.15
N ARG H 7 14.11 -18.33 6.05
CA ARG H 7 13.69 -18.77 4.72
C ARG H 7 14.00 -20.24 4.51
N MET H 8 13.34 -20.85 3.54
CA MET H 8 13.49 -22.27 3.26
C MET H 8 14.89 -22.81 2.98
N ARG H 9 15.70 -22.09 2.20
CA ARG H 9 17.05 -22.59 1.90
C ARG H 9 17.94 -22.71 3.13
N PRO H 10 18.13 -21.61 3.90
CA PRO H 10 18.99 -21.76 5.08
C PRO H 10 18.32 -22.66 6.14
N TRP H 11 17.00 -22.76 6.10
CA TRP H 11 16.26 -23.59 7.03
C TRP H 11 16.55 -25.05 6.72
N LEU H 12 16.54 -25.37 5.43
CA LEU H 12 16.80 -26.72 4.95
C LEU H 12 18.23 -27.14 5.28
N GLU H 13 19.18 -26.23 5.07
CA GLU H 13 20.58 -26.51 5.38
C GLU H 13 20.76 -26.89 6.85
N GLU H 14 20.05 -26.18 7.71
CA GLU H 14 20.08 -26.42 9.14
C GLU H 14 19.54 -27.82 9.45
N GLN H 15 18.44 -28.18 8.80
CA GLN H 15 17.83 -29.50 8.98
C GLN H 15 18.79 -30.61 8.55
N ILE H 16 19.43 -30.43 7.40
CA ILE H 16 20.37 -31.42 6.87
C ILE H 16 21.58 -31.55 7.80
N ASN H 17 22.08 -30.42 8.28
CA ASN H 17 23.23 -30.39 9.18
C ASN H 17 22.97 -30.91 10.59
N SER H 18 21.74 -30.76 11.06
CA SER H 18 21.38 -31.21 12.40
C SER H 18 21.48 -32.72 12.55
N ASN H 19 21.42 -33.44 11.44
CA ASN H 19 21.49 -34.91 11.45
C ASN H 19 20.43 -35.52 12.36
N THR H 20 19.23 -34.98 12.29
CA THR H 20 18.11 -35.47 13.09
C THR H 20 17.01 -36.06 12.22
N ILE H 21 17.12 -35.88 10.90
CA ILE H 21 16.12 -36.40 9.96
C ILE H 21 16.65 -37.63 9.25
N PRO H 22 15.99 -38.79 9.44
CA PRO H 22 16.39 -40.05 8.82
C PRO H 22 16.45 -39.96 7.30
N GLY H 23 17.63 -40.24 6.74
CA GLY H 23 17.80 -40.21 5.29
C GLY H 23 18.17 -38.87 4.66
N LEU H 24 17.98 -37.77 5.40
CA LEU H 24 18.33 -36.44 4.89
C LEU H 24 19.81 -36.18 5.10
N LYS H 25 20.59 -36.31 4.03
CA LYS H 25 22.03 -36.12 4.11
C LYS H 25 22.60 -35.52 2.83
N TRP H 26 23.82 -34.98 2.94
CA TRP H 26 24.51 -34.43 1.79
C TRP H 26 25.14 -35.58 1.04
N LEU H 27 25.07 -35.55 -0.29
CA LEU H 27 25.70 -36.58 -1.11
C LEU H 27 27.07 -36.02 -1.48
N ASN H 28 27.17 -34.70 -1.49
CA ASN H 28 28.38 -33.96 -1.79
C ASN H 28 28.17 -32.64 -1.08
N LYS H 29 28.68 -32.52 0.14
CA LYS H 29 28.50 -31.31 0.92
C LYS H 29 29.14 -30.06 0.33
N GLU H 30 30.31 -30.18 -0.30
CA GLU H 30 30.97 -29.04 -0.89
C GLU H 30 30.13 -28.42 -2.01
N LYS H 31 29.57 -29.27 -2.86
CA LYS H 31 28.72 -28.82 -3.97
C LYS H 31 27.26 -28.62 -3.57
N LYS H 32 26.98 -28.79 -2.27
CA LYS H 32 25.64 -28.63 -1.71
C LYS H 32 24.56 -29.51 -2.34
N ILE H 33 24.94 -30.73 -2.67
CA ILE H 33 24.02 -31.70 -3.26
C ILE H 33 23.57 -32.60 -2.11
N PHE H 34 22.27 -32.81 -1.98
CA PHE H 34 21.75 -33.64 -0.90
C PHE H 34 20.53 -34.45 -1.33
N GLN H 35 20.15 -35.42 -0.52
CA GLN H 35 19.00 -36.24 -0.83
C GLN H 35 17.94 -36.17 0.25
N ILE H 36 16.68 -36.09 -0.17
CA ILE H 36 15.54 -36.02 0.72
C ILE H 36 14.71 -37.28 0.53
N PRO H 37 14.44 -38.02 1.63
CA PRO H 37 13.64 -39.24 1.57
C PRO H 37 12.27 -38.89 0.99
N TRP H 38 11.85 -39.58 -0.05
CA TRP H 38 10.59 -39.27 -0.72
C TRP H 38 9.71 -40.49 -0.96
N MET H 39 9.61 -41.35 0.05
CA MET H 39 8.80 -42.56 -0.06
C MET H 39 7.31 -42.22 -0.17
N HIS H 40 6.61 -42.94 -1.05
CA HIS H 40 5.18 -42.77 -1.28
C HIS H 40 4.47 -43.23 -0.01
N ALA H 41 3.58 -42.39 0.52
CA ALA H 41 2.88 -42.70 1.77
C ALA H 41 1.94 -43.90 1.74
N ALA H 42 1.64 -44.41 0.55
CA ALA H 42 0.75 -45.56 0.41
C ALA H 42 1.52 -46.87 0.29
N ARG H 43 2.83 -46.76 0.10
CA ARG H 43 3.69 -47.92 -0.03
C ARG H 43 3.90 -48.57 1.34
N HIS H 44 3.95 -49.90 1.36
CA HIS H 44 4.15 -50.62 2.61
C HIS H 44 5.55 -50.33 3.15
N GLY H 45 5.60 -49.94 4.42
CA GLY H 45 6.86 -49.60 5.05
C GLY H 45 6.91 -48.14 5.48
N TRP H 46 6.00 -47.35 4.92
CA TRP H 46 5.92 -45.92 5.24
C TRP H 46 5.35 -45.69 6.64
N ASP H 47 6.05 -44.84 7.38
CA ASP H 47 5.68 -44.47 8.74
C ASP H 47 5.93 -42.95 8.84
N VAL H 48 5.01 -42.24 9.49
CA VAL H 48 5.11 -40.80 9.63
C VAL H 48 6.42 -40.30 10.25
N GLU H 49 6.86 -40.92 11.34
CA GLU H 49 8.09 -40.50 12.00
C GLU H 49 9.36 -40.72 11.18
N LYS H 50 9.36 -41.76 10.36
CA LYS H 50 10.53 -42.07 9.55
C LYS H 50 10.57 -41.35 8.21
N ASP H 51 9.42 -41.28 7.53
CA ASP H 51 9.37 -40.67 6.22
C ASP H 51 8.86 -39.24 6.08
N ALA H 52 8.05 -38.79 7.03
CA ALA H 52 7.53 -37.43 6.97
C ALA H 52 8.02 -36.41 8.00
N PRO H 53 9.16 -36.67 8.70
CA PRO H 53 9.58 -35.65 9.67
C PRO H 53 10.01 -34.30 9.08
N LEU H 54 10.67 -34.33 7.93
CA LEU H 54 11.11 -33.08 7.30
C LEU H 54 9.92 -32.23 6.86
N PHE H 55 8.96 -32.87 6.21
CA PHE H 55 7.76 -32.18 5.72
C PHE H 55 6.97 -31.62 6.89
N ARG H 56 6.99 -32.35 8.01
CA ARG H 56 6.29 -31.94 9.21
C ARG H 56 6.93 -30.68 9.78
N ASN H 57 8.27 -30.66 9.80
CA ASN H 57 8.99 -29.51 10.34
C ASN H 57 8.74 -28.25 9.53
N TRP H 58 8.66 -28.37 8.21
CA TRP H 58 8.39 -27.19 7.38
C TRP H 58 6.98 -26.71 7.69
N ALA H 59 6.07 -27.64 7.96
CA ALA H 59 4.70 -27.31 8.31
C ALA H 59 4.63 -26.57 9.65
N ILE H 60 5.42 -27.04 10.62
CA ILE H 60 5.45 -26.42 11.94
C ILE H 60 6.14 -25.06 11.85
N HIS H 61 7.22 -25.00 11.07
CA HIS H 61 7.98 -23.78 10.90
C HIS H 61 7.14 -22.67 10.27
N THR H 62 6.28 -23.06 9.32
CA THR H 62 5.43 -22.11 8.61
C THR H 62 4.04 -21.91 9.19
N GLY H 63 3.81 -22.42 10.39
CA GLY H 63 2.51 -22.26 11.04
C GLY H 63 1.40 -23.10 10.46
N LYS H 64 1.74 -24.06 9.60
CA LYS H 64 0.74 -24.93 8.99
C LYS H 64 0.36 -26.14 9.85
N HIS H 65 1.10 -26.38 10.93
CA HIS H 65 0.80 -27.49 11.82
C HIS H 65 1.24 -27.23 13.25
N GLN H 66 0.30 -27.42 14.17
CA GLN H 66 0.56 -27.24 15.61
C GLN H 66 0.38 -28.62 16.25
N PRO H 67 1.48 -29.28 16.64
CA PRO H 67 1.39 -30.61 17.26
C PRO H 67 0.42 -30.60 18.45
N GLY H 68 -0.43 -31.63 18.51
CA GLY H 68 -1.40 -31.74 19.59
C GLY H 68 -2.69 -30.98 19.30
N ILE H 69 -2.58 -29.90 18.53
CA ILE H 69 -3.76 -29.10 18.18
C ILE H 69 -4.36 -29.57 16.84
N ASP H 70 -3.54 -29.54 15.78
CA ASP H 70 -3.96 -29.96 14.45
C ASP H 70 -3.77 -31.46 14.25
N LYS H 71 -4.73 -32.09 13.57
CA LYS H 71 -4.64 -33.51 13.27
C LYS H 71 -3.59 -33.68 12.16
N PRO H 72 -2.61 -34.56 12.36
CA PRO H 72 -1.54 -34.80 11.38
C PRO H 72 -2.06 -34.95 9.95
N ASP H 73 -1.43 -34.22 9.03
CA ASP H 73 -1.81 -34.23 7.63
C ASP H 73 -0.55 -34.31 6.76
N PRO H 74 0.13 -35.47 6.77
CA PRO H 74 1.36 -35.76 6.02
C PRO H 74 1.24 -35.52 4.52
N LYS H 75 0.04 -35.74 3.99
CA LYS H 75 -0.20 -35.56 2.56
C LYS H 75 0.01 -34.09 2.17
N THR H 76 -0.64 -33.19 2.92
CA THR H 76 -0.52 -31.75 2.66
C THR H 76 0.87 -31.23 2.97
N TRP H 77 1.49 -31.73 4.04
CA TRP H 77 2.84 -31.30 4.41
C TRP H 77 3.80 -31.54 3.25
N LYS H 78 3.72 -32.74 2.66
CA LYS H 78 4.57 -33.12 1.53
C LYS H 78 4.31 -32.24 0.30
N ALA H 79 3.04 -31.99 0.02
CA ALA H 79 2.64 -31.18 -1.12
C ALA H 79 3.11 -29.74 -0.94
N ASN H 80 2.95 -29.21 0.27
CA ASN H 80 3.38 -27.86 0.58
C ASN H 80 4.88 -27.71 0.44
N PHE H 81 5.59 -28.72 0.93
CA PHE H 81 7.05 -28.73 0.88
C PHE H 81 7.53 -28.74 -0.56
N ARG H 82 6.94 -29.62 -1.37
CA ARG H 82 7.32 -29.74 -2.77
C ARG H 82 7.04 -28.45 -3.54
N CYS H 83 5.86 -27.87 -3.35
CA CYS H 83 5.50 -26.64 -4.04
C CYS H 83 6.42 -25.49 -3.66
N ALA H 84 6.85 -25.46 -2.40
CA ALA H 84 7.77 -24.42 -1.92
C ALA H 84 9.14 -24.68 -2.52
N MET H 85 9.49 -25.95 -2.72
CA MET H 85 10.77 -26.32 -3.31
C MET H 85 10.78 -25.96 -4.79
N ASN H 86 9.65 -26.16 -5.45
CA ASN H 86 9.49 -25.85 -6.89
C ASN H 86 9.71 -24.37 -7.17
N SER H 87 9.23 -23.53 -6.26
CA SER H 87 9.35 -22.09 -6.42
C SER H 87 10.72 -21.51 -6.07
N LEU H 88 11.48 -22.20 -5.23
CA LEU H 88 12.80 -21.73 -4.81
C LEU H 88 13.77 -21.54 -5.96
N PRO H 89 14.28 -20.31 -6.12
CA PRO H 89 15.22 -19.98 -7.19
C PRO H 89 16.58 -20.69 -7.11
N ASP H 90 17.19 -20.68 -5.93
CA ASP H 90 18.50 -21.28 -5.72
C ASP H 90 18.61 -22.77 -5.35
N ILE H 91 17.54 -23.53 -5.51
CA ILE H 91 17.59 -24.97 -5.21
C ILE H 91 16.94 -25.75 -6.34
N GLU H 92 17.74 -26.50 -7.09
CA GLU H 92 17.23 -27.29 -8.21
C GLU H 92 17.36 -28.80 -7.99
N GLU H 93 16.45 -29.56 -8.61
CA GLU H 93 16.47 -31.00 -8.48
C GLU H 93 17.30 -31.75 -9.52
N VAL H 94 18.18 -32.61 -9.04
CA VAL H 94 19.01 -33.44 -9.90
C VAL H 94 18.17 -34.67 -10.23
N LYS H 95 17.36 -34.55 -11.26
CA LYS H 95 16.44 -35.61 -11.72
C LYS H 95 17.14 -36.92 -12.07
N ASP H 96 18.36 -36.81 -12.60
CA ASP H 96 19.16 -37.97 -13.02
C ASP H 96 19.51 -38.99 -11.93
N ARG H 97 19.33 -38.61 -10.66
CA ARG H 97 19.64 -39.52 -9.56
C ARG H 97 18.52 -39.65 -8.51
N SER H 98 17.44 -38.91 -8.71
CA SER H 98 16.29 -38.94 -7.79
C SER H 98 15.43 -40.19 -8.01
N ILE H 99 15.94 -41.35 -7.57
CA ILE H 99 15.21 -42.62 -7.71
C ILE H 99 13.94 -42.59 -6.86
N LYS H 100 12.87 -42.09 -7.48
CA LYS H 100 11.56 -41.94 -6.86
C LYS H 100 10.79 -43.23 -6.60
N LYS H 101 11.13 -44.29 -7.32
CA LYS H 101 10.42 -45.57 -7.14
C LYS H 101 11.26 -46.62 -6.44
N GLY H 102 10.58 -47.64 -5.92
CA GLY H 102 11.28 -48.73 -5.23
C GLY H 102 11.12 -48.70 -3.72
N ASN H 103 11.91 -49.53 -3.04
CA ASN H 103 11.88 -49.61 -1.59
C ASN H 103 12.31 -48.29 -0.96
N ASN H 104 13.48 -47.79 -1.37
CA ASN H 104 14.01 -46.53 -0.87
C ASN H 104 13.92 -45.42 -1.92
N ALA H 105 12.79 -44.71 -1.91
CA ALA H 105 12.54 -43.60 -2.83
C ALA H 105 13.08 -42.31 -2.23
N PHE H 106 13.74 -41.51 -3.07
CA PHE H 106 14.31 -40.25 -2.62
C PHE H 106 14.47 -39.28 -3.78
N ARG H 107 14.72 -38.02 -3.43
CA ARG H 107 14.94 -36.97 -4.40
C ARG H 107 16.25 -36.27 -4.11
N VAL H 108 16.96 -35.89 -5.18
CA VAL H 108 18.24 -35.23 -5.04
C VAL H 108 18.12 -33.78 -5.50
N TYR H 109 18.59 -32.87 -4.66
CA TYR H 109 18.55 -31.44 -4.97
C TYR H 109 19.95 -30.87 -4.81
N ARG H 110 20.14 -29.68 -5.36
CA ARG H 110 21.42 -29.00 -5.29
C ARG H 110 21.20 -27.51 -5.07
N MET H 111 21.79 -26.99 -3.99
CA MET H 111 21.69 -25.58 -3.68
C MET H 111 22.74 -24.86 -4.53
N LEU H 112 22.24 -24.03 -5.44
CA LEU H 112 23.08 -23.27 -6.36
C LEU H 112 23.83 -22.11 -5.72
N PRO H 113 25.15 -22.03 -5.99
CA PRO H 113 26.06 -21.00 -5.50
C PRO H 113 25.77 -19.62 -6.08
N ARG I 5 -13.50 10.88 -1.09
CA ARG I 5 -13.46 9.44 -1.48
C ARG I 5 -13.98 8.57 -0.34
N MET I 6 -15.12 7.92 -0.58
CA MET I 6 -15.75 7.04 0.40
C MET I 6 -14.81 5.89 0.79
N ARG I 7 -14.60 5.70 2.09
CA ARG I 7 -13.72 4.64 2.59
C ARG I 7 -14.31 3.26 2.34
N MET I 8 -13.48 2.22 2.48
CA MET I 8 -13.90 0.86 2.21
C MET I 8 -15.12 0.28 2.95
N ARG I 9 -15.19 0.43 4.27
CA ARG I 9 -16.31 -0.12 5.03
C ARG I 9 -17.68 0.45 4.64
N PRO I 10 -17.82 1.80 4.61
CA PRO I 10 -19.11 2.35 4.22
C PRO I 10 -19.44 2.09 2.74
N TRP I 11 -18.42 2.08 1.89
CA TRP I 11 -18.57 1.82 0.47
C TRP I 11 -19.06 0.40 0.24
N LEU I 12 -18.56 -0.53 1.06
CA LEU I 12 -18.92 -1.94 0.96
C LEU I 12 -20.36 -2.20 1.40
N GLU I 13 -20.82 -1.48 2.42
CA GLU I 13 -22.20 -1.63 2.90
C GLU I 13 -23.13 -1.20 1.78
N GLU I 14 -22.72 -0.16 1.06
CA GLU I 14 -23.48 0.38 -0.06
C GLU I 14 -23.53 -0.64 -1.20
N GLN I 15 -22.44 -1.38 -1.38
CA GLN I 15 -22.37 -2.40 -2.43
C GLN I 15 -23.29 -3.59 -2.13
N ILE I 16 -23.33 -3.98 -0.86
CA ILE I 16 -24.16 -5.09 -0.41
C ILE I 16 -25.64 -4.75 -0.52
N ASN I 17 -25.97 -3.51 -0.15
CA ASN I 17 -27.35 -3.04 -0.18
C ASN I 17 -27.85 -2.71 -1.59
N SER I 18 -26.93 -2.49 -2.53
CA SER I 18 -27.31 -2.17 -3.90
C SER I 18 -27.90 -3.37 -4.62
N ASN I 19 -27.52 -4.56 -4.18
CA ASN I 19 -27.99 -5.82 -4.76
C ASN I 19 -27.63 -5.93 -6.25
N THR I 20 -26.51 -5.33 -6.63
CA THR I 20 -26.04 -5.35 -8.02
C THR I 20 -24.90 -6.35 -8.22
N ILE I 21 -24.30 -6.79 -7.12
CA ILE I 21 -23.19 -7.75 -7.18
C ILE I 21 -23.72 -9.15 -6.88
N PRO I 22 -23.57 -10.09 -7.84
CA PRO I 22 -24.03 -11.48 -7.71
C PRO I 22 -23.40 -12.20 -6.50
N GLY I 23 -24.23 -12.68 -5.59
CA GLY I 23 -23.74 -13.40 -4.43
C GLY I 23 -23.43 -12.57 -3.20
N LEU I 24 -23.20 -11.26 -3.38
CA LEU I 24 -22.90 -10.36 -2.28
C LEU I 24 -24.20 -10.02 -1.56
N LYS I 25 -24.40 -10.65 -0.40
CA LYS I 25 -25.62 -10.45 0.37
C LYS I 25 -25.41 -10.57 1.89
N TRP I 26 -26.39 -10.07 2.63
CA TRP I 26 -26.36 -10.13 4.09
C TRP I 26 -26.88 -11.49 4.53
N LEU I 27 -26.17 -12.13 5.44
CA LEU I 27 -26.62 -13.41 5.98
C LEU I 27 -27.49 -13.05 7.19
N ASN I 28 -27.09 -11.96 7.87
CA ASN I 28 -27.79 -11.42 9.03
C ASN I 28 -27.54 -9.90 9.02
N LYS I 29 -28.44 -9.16 8.37
CA LYS I 29 -28.32 -7.71 8.25
C LYS I 29 -28.26 -6.98 9.59
N GLU I 30 -29.01 -7.48 10.57
CA GLU I 30 -29.04 -6.88 11.91
C GLU I 30 -27.63 -6.86 12.53
N LYS I 31 -26.98 -8.02 12.53
CA LYS I 31 -25.64 -8.16 13.10
C LYS I 31 -24.52 -7.90 12.08
N LYS I 32 -24.91 -7.40 10.92
CA LYS I 32 -23.99 -7.07 9.83
C LYS I 32 -23.02 -8.16 9.38
N ILE I 33 -23.54 -9.38 9.25
CA ILE I 33 -22.75 -10.51 8.79
C ILE I 33 -23.15 -10.69 7.33
N PHE I 34 -22.18 -10.81 6.45
CA PHE I 34 -22.46 -10.98 5.03
C PHE I 34 -21.51 -11.97 4.41
N GLN I 35 -21.68 -12.23 3.12
CA GLN I 35 -20.78 -13.14 2.43
C GLN I 35 -20.37 -12.51 1.11
N ILE I 36 -19.13 -12.79 0.70
CA ILE I 36 -18.56 -12.27 -0.53
C ILE I 36 -18.14 -13.45 -1.40
N PRO I 37 -18.64 -13.52 -2.64
CA PRO I 37 -18.28 -14.62 -3.54
C PRO I 37 -16.76 -14.65 -3.67
N TRP I 38 -16.18 -15.83 -3.53
CA TRP I 38 -14.73 -15.96 -3.59
C TRP I 38 -14.31 -17.14 -4.47
N MET I 39 -14.91 -17.25 -5.66
CA MET I 39 -14.55 -18.35 -6.55
C MET I 39 -13.19 -18.17 -7.22
N HIS I 40 -12.38 -19.22 -7.10
CA HIS I 40 -11.03 -19.25 -7.67
C HIS I 40 -11.06 -19.00 -9.19
N ALA I 41 -10.26 -18.03 -9.63
CA ALA I 41 -10.20 -17.65 -11.05
C ALA I 41 -9.71 -18.75 -12.00
N ALA I 42 -9.16 -19.82 -11.44
CA ALA I 42 -8.67 -20.93 -12.26
C ALA I 42 -9.67 -22.08 -12.31
N ARG I 43 -10.75 -22.00 -11.53
CA ARG I 43 -11.78 -23.03 -11.51
C ARG I 43 -12.77 -22.86 -12.65
N HIS I 44 -13.12 -23.96 -13.30
CA HIS I 44 -14.07 -23.96 -14.40
C HIS I 44 -15.37 -23.36 -13.89
N GLY I 45 -15.87 -22.36 -14.60
CA GLY I 45 -17.11 -21.72 -14.20
C GLY I 45 -16.88 -20.28 -13.76
N TRP I 46 -15.61 -19.91 -13.58
CA TRP I 46 -15.28 -18.54 -13.18
C TRP I 46 -15.43 -17.62 -14.37
N ASP I 47 -16.08 -16.49 -14.14
CA ASP I 47 -16.30 -15.49 -15.16
C ASP I 47 -16.09 -14.13 -14.51
N VAL I 48 -15.36 -13.24 -15.19
CA VAL I 48 -15.06 -11.91 -14.67
C VAL I 48 -16.30 -11.13 -14.28
N GLU I 49 -17.34 -11.16 -15.12
CA GLU I 49 -18.58 -10.44 -14.85
C GLU I 49 -19.32 -10.99 -13.64
N LYS I 50 -19.24 -12.30 -13.45
CA LYS I 50 -19.92 -12.97 -12.36
C LYS I 50 -19.16 -12.99 -11.04
N ASP I 51 -17.84 -13.16 -11.12
CA ASP I 51 -17.02 -13.28 -9.92
C ASP I 51 -16.10 -12.13 -9.53
N ALA I 52 -15.72 -11.29 -10.48
CA ALA I 52 -14.85 -10.17 -10.18
C ALA I 52 -15.47 -8.76 -10.22
N PRO I 53 -16.81 -8.63 -10.27
CA PRO I 53 -17.34 -7.26 -10.32
C PRO I 53 -17.11 -6.42 -9.06
N LEU I 54 -17.23 -7.03 -7.88
CA LEU I 54 -17.02 -6.33 -6.62
C LEU I 54 -15.58 -5.87 -6.50
N PHE I 55 -14.66 -6.78 -6.79
CA PHE I 55 -13.23 -6.48 -6.73
C PHE I 55 -12.90 -5.39 -7.73
N ARG I 56 -13.55 -5.44 -8.90
CA ARG I 56 -13.33 -4.46 -9.96
C ARG I 56 -13.84 -3.09 -9.55
N ASN I 57 -15.00 -3.04 -8.91
CA ASN I 57 -15.60 -1.78 -8.46
C ASN I 57 -14.72 -1.10 -7.43
N TRP I 58 -14.04 -1.88 -6.61
CA TRP I 58 -13.15 -1.31 -5.60
C TRP I 58 -11.97 -0.67 -6.30
N ALA I 59 -11.46 -1.33 -7.34
CA ALA I 59 -10.31 -0.82 -8.11
C ALA I 59 -10.65 0.44 -8.89
N ILE I 60 -11.86 0.50 -9.43
CA ILE I 60 -12.30 1.66 -10.20
C ILE I 60 -12.52 2.83 -9.24
N HIS I 61 -13.10 2.52 -8.08
CA HIS I 61 -13.39 3.49 -7.04
C HIS I 61 -12.11 4.14 -6.49
N THR I 62 -11.00 3.41 -6.54
CA THR I 62 -9.73 3.91 -6.03
C THR I 62 -8.76 4.37 -7.12
N GLY I 63 -9.23 4.36 -8.37
CA GLY I 63 -8.40 4.78 -9.49
C GLY I 63 -7.32 3.80 -9.92
N LYS I 64 -7.44 2.55 -9.49
CA LYS I 64 -6.47 1.52 -9.86
C LYS I 64 -6.80 0.89 -11.21
N HIS I 65 -8.08 0.92 -11.55
CA HIS I 65 -8.52 0.38 -12.84
C HIS I 65 -9.28 1.47 -13.59
N GLN I 66 -8.97 1.63 -14.87
CA GLN I 66 -9.61 2.63 -15.71
C GLN I 66 -10.28 1.96 -16.90
N PRO I 67 -11.61 1.73 -16.82
CA PRO I 67 -12.38 1.08 -17.89
C PRO I 67 -12.09 1.68 -19.26
N GLY I 68 -11.80 0.82 -20.23
CA GLY I 68 -11.51 1.26 -21.58
C GLY I 68 -10.05 1.62 -21.82
N ILE I 69 -9.32 1.90 -20.74
CA ILE I 69 -7.90 2.26 -20.81
C ILE I 69 -6.98 1.16 -20.28
N ASP I 70 -7.38 0.52 -19.19
CA ASP I 70 -6.60 -0.54 -18.57
C ASP I 70 -7.07 -1.93 -18.94
N LYS I 71 -6.12 -2.84 -19.06
CA LYS I 71 -6.43 -4.24 -19.36
C LYS I 71 -6.95 -4.82 -18.05
N PRO I 72 -8.08 -5.54 -18.09
CA PRO I 72 -8.63 -6.12 -16.87
C PRO I 72 -7.57 -6.96 -16.14
N ASP I 73 -7.38 -6.66 -14.86
CA ASP I 73 -6.41 -7.37 -14.03
C ASP I 73 -7.12 -7.92 -12.78
N PRO I 74 -8.02 -8.90 -12.97
CA PRO I 74 -8.80 -9.54 -11.89
C PRO I 74 -7.97 -10.09 -10.74
N LYS I 75 -6.76 -10.57 -11.03
CA LYS I 75 -5.89 -11.12 -9.99
C LYS I 75 -5.52 -10.03 -8.99
N THR I 76 -5.05 -8.90 -9.50
CA THR I 76 -4.67 -7.78 -8.65
C THR I 76 -5.90 -7.18 -7.94
N TRP I 77 -7.01 -7.06 -8.67
CA TRP I 77 -8.23 -6.52 -8.08
C TRP I 77 -8.63 -7.31 -6.83
N LYS I 78 -8.49 -8.63 -6.93
CA LYS I 78 -8.85 -9.52 -5.83
C LYS I 78 -7.88 -9.43 -4.66
N ALA I 79 -6.58 -9.49 -4.95
CA ALA I 79 -5.55 -9.41 -3.93
C ALA I 79 -5.58 -8.06 -3.21
N ASN I 80 -5.78 -7.00 -3.99
CA ASN I 80 -5.86 -5.65 -3.44
C ASN I 80 -7.08 -5.54 -2.51
N PHE I 81 -8.20 -6.10 -2.96
CA PHE I 81 -9.44 -6.09 -2.19
C PHE I 81 -9.24 -6.84 -0.88
N ARG I 82 -8.68 -8.05 -0.98
CA ARG I 82 -8.43 -8.91 0.16
C ARG I 82 -7.50 -8.24 1.18
N CYS I 83 -6.40 -7.67 0.71
CA CYS I 83 -5.45 -7.00 1.60
C CYS I 83 -6.12 -5.80 2.27
N ALA I 84 -6.97 -5.10 1.53
CA ALA I 84 -7.68 -3.95 2.06
C ALA I 84 -8.64 -4.41 3.16
N MET I 85 -9.33 -5.52 2.92
CA MET I 85 -10.26 -6.09 3.90
C MET I 85 -9.50 -6.51 5.16
N ASN I 86 -8.34 -7.14 4.95
CA ASN I 86 -7.48 -7.60 6.04
C ASN I 86 -7.10 -6.46 6.97
N SER I 87 -6.79 -5.30 6.38
CA SER I 87 -6.37 -4.12 7.13
C SER I 87 -7.48 -3.36 7.87
N LEU I 88 -8.73 -3.51 7.42
CA LEU I 88 -9.84 -2.82 8.07
C LEU I 88 -9.96 -3.21 9.54
N PRO I 89 -10.01 -2.21 10.44
CA PRO I 89 -10.13 -2.50 11.87
C PRO I 89 -11.56 -2.88 12.30
N ASP I 90 -12.53 -2.45 11.50
CA ASP I 90 -13.93 -2.70 11.80
C ASP I 90 -14.65 -3.82 11.04
N ILE I 91 -13.91 -4.66 10.33
CA ILE I 91 -14.52 -5.78 9.61
C ILE I 91 -13.66 -7.01 9.78
N GLU I 92 -14.24 -8.04 10.42
CA GLU I 92 -13.54 -9.29 10.67
C GLU I 92 -14.14 -10.44 9.87
N GLU I 93 -13.29 -11.36 9.43
CA GLU I 93 -13.76 -12.50 8.67
C GLU I 93 -14.13 -13.65 9.60
N VAL I 94 -15.29 -14.25 9.36
CA VAL I 94 -15.74 -15.39 10.14
C VAL I 94 -15.19 -16.61 9.40
N LYS I 95 -13.93 -16.94 9.69
CA LYS I 95 -13.24 -18.06 9.04
C LYS I 95 -13.93 -19.42 9.16
N ASP I 96 -14.82 -19.58 10.13
CA ASP I 96 -15.51 -20.84 10.33
C ASP I 96 -16.71 -21.05 9.40
N ARG I 97 -17.30 -19.96 8.93
CA ARG I 97 -18.45 -20.03 8.02
C ARG I 97 -18.03 -19.95 6.55
N SER I 98 -16.85 -19.41 6.33
CA SER I 98 -16.29 -19.26 4.99
C SER I 98 -15.93 -20.62 4.38
N ILE I 99 -15.97 -20.68 3.05
CA ILE I 99 -15.62 -21.85 2.26
C ILE I 99 -15.01 -21.25 1.00
N LYS I 100 -13.77 -20.76 1.13
CA LYS I 100 -13.06 -20.11 0.02
C LYS I 100 -12.61 -20.98 -1.15
N LYS I 101 -13.03 -22.26 -1.15
CA LYS I 101 -12.66 -23.17 -2.24
C LYS I 101 -13.88 -23.95 -2.76
N GLY I 102 -13.76 -24.49 -3.97
CA GLY I 102 -14.84 -25.24 -4.57
C GLY I 102 -15.73 -24.36 -5.42
N ASN I 103 -16.82 -24.94 -5.92
CA ASN I 103 -17.76 -24.21 -6.76
C ASN I 103 -18.45 -23.10 -5.98
N ASN I 104 -19.14 -23.47 -4.90
CA ASN I 104 -19.83 -22.48 -4.06
C ASN I 104 -18.84 -21.85 -3.08
N ALA I 105 -17.85 -21.15 -3.61
CA ALA I 105 -16.83 -20.49 -2.81
C ALA I 105 -17.24 -19.09 -2.39
N PHE I 106 -17.05 -18.79 -1.11
CA PHE I 106 -17.39 -17.49 -0.55
C PHE I 106 -16.68 -17.25 0.76
N ARG I 107 -16.65 -15.99 1.18
CA ARG I 107 -16.02 -15.61 2.43
C ARG I 107 -17.04 -14.84 3.25
N VAL I 108 -17.27 -15.30 4.48
CA VAL I 108 -18.21 -14.65 5.38
C VAL I 108 -17.46 -13.66 6.26
N TYR I 109 -17.96 -12.43 6.30
CA TYR I 109 -17.36 -11.38 7.13
C TYR I 109 -18.40 -10.83 8.11
N ARG I 110 -17.95 -9.96 9.00
CA ARG I 110 -18.83 -9.34 9.99
C ARG I 110 -18.33 -7.93 10.27
N MET I 111 -19.23 -6.97 10.24
CA MET I 111 -18.88 -5.59 10.50
C MET I 111 -19.03 -5.24 11.98
N LEU I 112 -18.01 -4.56 12.52
CA LEU I 112 -17.97 -4.15 13.91
C LEU I 112 -18.34 -2.67 14.05
N PRO I 113 -18.75 -2.23 15.25
CA PRO I 113 -18.89 -3.02 16.48
C PRO I 113 -20.08 -3.99 16.46
N ARG J 5 18.42 26.59 7.36
CA ARG J 5 18.54 25.22 6.77
C ARG J 5 18.41 25.28 5.25
N MET J 6 19.31 24.60 4.56
CA MET J 6 19.31 24.58 3.09
C MET J 6 18.07 23.84 2.62
N ARG J 7 17.29 24.46 1.74
CA ARG J 7 16.08 23.86 1.20
C ARG J 7 16.38 22.54 0.46
N MET J 8 15.35 21.74 0.23
CA MET J 8 15.51 20.44 -0.42
C MET J 8 16.05 20.44 -1.84
N ARG J 9 15.67 21.43 -2.67
CA ARG J 9 16.16 21.49 -4.04
C ARG J 9 17.67 21.74 -4.12
N PRO J 10 18.16 22.85 -3.53
CA PRO J 10 19.61 23.08 -3.61
C PRO J 10 20.40 21.99 -2.91
N TRP J 11 19.81 21.43 -1.85
CA TRP J 11 20.46 20.35 -1.10
C TRP J 11 20.57 19.11 -2.00
N LEU J 12 19.52 18.85 -2.77
CA LEU J 12 19.49 17.71 -3.68
C LEU J 12 20.50 17.88 -4.81
N GLU J 13 20.60 19.09 -5.35
CA GLU J 13 21.55 19.38 -6.43
C GLU J 13 22.96 19.09 -5.93
N GLU J 14 23.24 19.49 -4.70
CA GLU J 14 24.54 19.27 -4.09
C GLU J 14 24.81 17.77 -3.90
N GLN J 15 23.76 17.02 -3.56
CA GLN J 15 23.88 15.57 -3.37
C GLN J 15 24.20 14.87 -4.68
N ILE J 16 23.54 15.32 -5.74
CA ILE J 16 23.75 14.76 -7.08
C ILE J 16 25.15 15.07 -7.58
N ASN J 17 25.52 16.35 -7.53
CA ASN J 17 26.82 16.82 -7.99
C ASN J 17 28.01 16.28 -7.18
N SER J 18 27.76 15.91 -5.94
CA SER J 18 28.81 15.38 -5.07
C SER J 18 29.32 14.01 -5.50
N ASN J 19 28.50 13.31 -6.30
CA ASN J 19 28.85 11.97 -6.78
C ASN J 19 29.23 11.04 -5.64
N THR J 20 28.48 11.12 -4.54
CA THR J 20 28.71 10.29 -3.37
C THR J 20 27.63 9.21 -3.22
N ILE J 21 26.45 9.49 -3.76
CA ILE J 21 25.33 8.55 -3.68
C ILE J 21 25.34 7.61 -4.88
N PRO J 22 25.38 6.29 -4.62
CA PRO J 22 25.38 5.27 -5.67
C PRO J 22 24.11 5.33 -6.53
N GLY J 23 24.27 5.51 -7.83
CA GLY J 23 23.12 5.55 -8.72
C GLY J 23 22.42 6.89 -8.86
N LEU J 24 22.71 7.84 -7.97
CA LEU J 24 22.10 9.15 -8.05
C LEU J 24 22.89 9.95 -9.10
N LYS J 25 22.23 10.27 -10.20
CA LYS J 25 22.90 11.00 -11.27
C LYS J 25 21.93 11.72 -12.21
N TRP J 26 22.48 12.62 -13.02
CA TRP J 26 21.69 13.36 -14.00
C TRP J 26 21.50 12.49 -15.25
N LEU J 27 20.32 12.58 -15.84
CA LEU J 27 20.02 11.87 -17.07
C LEU J 27 20.14 12.89 -18.20
N ASN J 28 20.20 14.16 -17.81
CA ASN J 28 20.33 15.30 -18.71
C ASN J 28 20.56 16.52 -17.80
N LYS J 29 21.84 16.78 -17.48
CA LYS J 29 22.20 17.89 -16.60
C LYS J 29 21.76 19.26 -17.08
N GLU J 30 21.53 19.39 -18.39
CA GLU J 30 21.10 20.65 -18.99
C GLU J 30 19.65 20.97 -18.58
N LYS J 31 18.75 20.02 -18.79
CA LYS J 31 17.34 20.18 -18.45
C LYS J 31 17.07 19.81 -16.98
N LYS J 32 18.15 19.52 -16.25
CA LYS J 32 18.09 19.15 -14.85
C LYS J 32 17.23 17.92 -14.55
N ILE J 33 17.32 16.92 -15.42
CA ILE J 33 16.59 15.68 -15.25
C ILE J 33 17.56 14.72 -14.60
N PHE J 34 17.10 14.01 -13.58
CA PHE J 34 17.93 13.06 -12.84
C PHE J 34 17.13 11.87 -12.33
N GLN J 35 17.83 10.83 -11.90
CA GLN J 35 17.17 9.66 -11.36
C GLN J 35 17.69 9.35 -9.98
N ILE J 36 16.79 8.87 -9.12
CA ILE J 36 17.13 8.52 -7.76
C ILE J 36 16.91 7.02 -7.61
N PRO J 37 17.93 6.28 -7.15
CA PRO J 37 17.82 4.82 -6.97
C PRO J 37 16.65 4.57 -6.04
N TRP J 38 15.75 3.67 -6.42
CA TRP J 38 14.58 3.41 -5.60
C TRP J 38 14.28 1.94 -5.36
N MET J 39 15.28 1.18 -4.93
CA MET J 39 15.08 -0.24 -4.67
C MET J 39 14.21 -0.52 -3.44
N HIS J 40 13.25 -1.43 -3.61
CA HIS J 40 12.34 -1.85 -2.53
C HIS J 40 13.20 -2.50 -1.44
N ALA J 41 12.98 -2.09 -0.20
CA ALA J 41 13.74 -2.62 0.94
C ALA J 41 13.49 -4.10 1.26
N ALA J 42 12.43 -4.68 0.69
CA ALA J 42 12.11 -6.08 0.92
C ALA J 42 12.80 -7.00 -0.12
N ARG J 43 13.21 -6.41 -1.24
CA ARG J 43 13.88 -7.15 -2.31
C ARG J 43 15.27 -7.63 -1.87
N HIS J 44 15.66 -8.82 -2.31
CA HIS J 44 16.95 -9.40 -1.97
C HIS J 44 18.09 -8.65 -2.66
N GLY J 45 19.03 -8.16 -1.84
CA GLY J 45 20.16 -7.41 -2.36
C GLY J 45 20.19 -6.01 -1.81
N TRP J 46 19.04 -5.54 -1.31
CA TRP J 46 18.92 -4.21 -0.73
C TRP J 46 19.87 -4.04 0.46
N ASP J 47 20.42 -2.83 0.58
CA ASP J 47 21.35 -2.50 1.64
C ASP J 47 21.08 -1.07 2.11
N VAL J 48 21.22 -0.83 3.41
CA VAL J 48 20.99 0.51 3.97
C VAL J 48 22.05 1.53 3.52
N GLU J 49 23.25 1.04 3.26
CA GLU J 49 24.37 1.89 2.83
C GLU J 49 24.35 2.10 1.32
N LYS J 50 23.87 1.09 0.59
CA LYS J 50 23.82 1.13 -0.86
C LYS J 50 22.55 1.74 -1.45
N ASP J 51 21.41 1.54 -0.78
CA ASP J 51 20.13 2.01 -1.29
C ASP J 51 19.40 3.11 -0.54
N ALA J 52 19.83 3.41 0.69
CA ALA J 52 19.18 4.45 1.47
C ALA J 52 20.08 5.59 1.97
N PRO J 53 21.30 5.76 1.41
CA PRO J 53 22.14 6.85 1.91
C PRO J 53 21.56 8.25 1.67
N LEU J 54 20.85 8.42 0.56
CA LEU J 54 20.25 9.70 0.22
C LEU J 54 19.12 10.01 1.20
N PHE J 55 18.29 9.00 1.45
CA PHE J 55 17.16 9.14 2.37
C PHE J 55 17.68 9.42 3.78
N ARG J 56 18.79 8.77 4.13
CA ARG J 56 19.41 8.95 5.43
C ARG J 56 19.92 10.39 5.56
N ASN J 57 20.63 10.84 4.52
CA ASN J 57 21.19 12.18 4.49
C ASN J 57 20.14 13.26 4.69
N TRP J 58 18.96 13.06 4.10
CA TRP J 58 17.88 14.02 4.25
C TRP J 58 17.34 13.99 5.68
N ALA J 59 17.29 12.80 6.26
CA ALA J 59 16.80 12.61 7.63
C ALA J 59 17.72 13.30 8.61
N ILE J 60 19.04 13.16 8.39
CA ILE J 60 20.05 13.78 9.25
C ILE J 60 19.99 15.29 9.10
N HIS J 61 19.91 15.74 7.85
CA HIS J 61 19.84 17.17 7.52
C HIS J 61 18.59 17.84 8.11
N THR J 62 17.54 17.06 8.34
CA THR J 62 16.29 17.59 8.89
C THR J 62 16.04 17.23 10.35
N GLY J 63 17.10 16.79 11.04
CA GLY J 63 16.99 16.44 12.44
C GLY J 63 16.22 15.18 12.79
N LYS J 64 15.61 14.56 11.79
CA LYS J 64 14.85 13.34 12.01
C LYS J 64 15.71 12.10 12.28
N HIS J 65 17.03 12.29 12.28
CA HIS J 65 17.96 11.22 12.56
C HIS J 65 19.33 11.71 12.97
N GLN J 66 19.84 11.12 14.06
CA GLN J 66 21.16 11.44 14.58
C GLN J 66 21.91 10.11 14.63
N PRO J 67 22.91 9.94 13.75
CA PRO J 67 23.70 8.72 13.71
C PRO J 67 24.41 8.42 15.04
N GLY J 68 24.10 7.24 15.59
CA GLY J 68 24.70 6.85 16.86
C GLY J 68 23.72 6.98 18.03
N ILE J 69 22.75 7.87 17.89
CA ILE J 69 21.75 8.09 18.94
C ILE J 69 20.46 7.32 18.62
N ASP J 70 19.91 7.57 17.44
CA ASP J 70 18.67 6.93 17.01
C ASP J 70 18.88 5.61 16.27
N LYS J 71 17.89 4.73 16.39
CA LYS J 71 17.93 3.44 15.73
C LYS J 71 17.52 3.70 14.28
N PRO J 72 18.35 3.27 13.32
CA PRO J 72 18.06 3.48 11.89
C PRO J 72 16.63 3.11 11.51
N ASP J 73 15.98 3.99 10.76
CA ASP J 73 14.62 3.78 10.31
C ASP J 73 14.49 4.15 8.83
N PRO J 74 15.07 3.31 7.94
CA PRO J 74 15.05 3.51 6.48
C PRO J 74 13.64 3.66 5.92
N LYS J 75 12.68 2.94 6.51
CA LYS J 75 11.29 3.00 6.05
C LYS J 75 10.75 4.42 6.15
N THR J 76 10.89 5.02 7.32
CA THR J 76 10.42 6.39 7.55
C THR J 76 11.27 7.40 6.79
N TRP J 77 12.55 7.11 6.63
CA TRP J 77 13.46 8.01 5.90
C TRP J 77 13.00 8.13 4.46
N LYS J 78 12.66 6.99 3.87
CA LYS J 78 12.21 6.91 2.50
C LYS J 78 10.84 7.57 2.30
N ALA J 79 9.91 7.29 3.23
CA ALA J 79 8.58 7.87 3.16
C ALA J 79 8.63 9.38 3.32
N ASN J 80 9.51 9.85 4.20
CA ASN J 80 9.66 11.28 4.44
C ASN J 80 10.26 11.98 3.24
N PHE J 81 11.33 11.40 2.71
CA PHE J 81 12.01 11.95 1.53
C PHE J 81 11.03 12.04 0.36
N ARG J 82 10.28 10.97 0.14
CA ARG J 82 9.30 10.90 -0.94
C ARG J 82 8.20 11.95 -0.79
N CYS J 83 7.55 11.98 0.37
CA CYS J 83 6.49 12.94 0.63
C CYS J 83 6.99 14.37 0.49
N ALA J 84 8.25 14.60 0.83
CA ALA J 84 8.84 15.92 0.72
C ALA J 84 9.01 16.26 -0.76
N MET J 85 9.47 15.28 -1.53
CA MET J 85 9.68 15.44 -2.97
C MET J 85 8.36 15.77 -3.65
N ASN J 86 7.30 15.09 -3.24
CA ASN J 86 5.96 15.28 -3.79
C ASN J 86 5.43 16.71 -3.63
N SER J 87 5.79 17.36 -2.53
CA SER J 87 5.34 18.72 -2.24
C SER J 87 6.14 19.82 -2.95
N LEU J 88 7.41 19.56 -3.24
CA LEU J 88 8.28 20.55 -3.91
C LEU J 88 7.63 21.07 -5.19
N PRO J 89 7.37 22.38 -5.24
CA PRO J 89 6.74 23.01 -6.41
C PRO J 89 7.65 23.06 -7.65
N ASP J 90 8.97 23.18 -7.42
CA ASP J 90 9.93 23.26 -8.51
C ASP J 90 10.70 21.98 -8.89
N ILE J 91 10.14 20.83 -8.53
CA ILE J 91 10.74 19.54 -8.86
C ILE J 91 9.60 18.54 -9.01
N GLU J 92 9.33 18.11 -10.24
CA GLU J 92 8.25 17.16 -10.48
C GLU J 92 8.80 15.81 -10.90
N GLU J 93 8.07 14.75 -10.56
CA GLU J 93 8.50 13.41 -10.94
C GLU J 93 8.02 13.04 -12.33
N VAL J 94 8.96 12.59 -13.16
CA VAL J 94 8.65 12.14 -14.50
C VAL J 94 8.15 10.72 -14.24
N LYS J 95 6.83 10.58 -14.13
CA LYS J 95 6.22 9.29 -13.84
C LYS J 95 5.60 8.61 -15.05
N ASP J 96 5.58 7.28 -15.01
CA ASP J 96 5.00 6.44 -16.05
C ASP J 96 5.19 4.98 -15.63
N ARG J 97 6.45 4.59 -15.43
CA ARG J 97 6.79 3.23 -15.02
C ARG J 97 8.04 3.26 -14.14
N SER J 98 9.09 3.93 -14.64
CA SER J 98 10.36 4.08 -13.93
C SER J 98 11.14 2.79 -13.62
N ILE J 99 10.50 1.64 -13.82
CA ILE J 99 11.10 0.33 -13.51
C ILE J 99 11.28 0.28 -11.99
N LYS J 100 10.40 1.01 -11.29
CA LYS J 100 10.43 1.08 -9.82
C LYS J 100 9.92 -0.20 -9.16
N LYS J 101 8.81 -0.76 -9.66
CA LYS J 101 8.30 -2.01 -9.11
C LYS J 101 9.07 -3.19 -9.73
N GLY J 102 9.82 -2.90 -10.80
CA GLY J 102 10.61 -3.93 -11.47
C GLY J 102 11.94 -4.16 -10.77
N ASN J 103 12.85 -4.86 -11.46
CA ASN J 103 14.18 -5.18 -10.92
C ASN J 103 15.00 -3.97 -10.45
N ASN J 104 15.76 -3.37 -11.37
CA ASN J 104 16.57 -2.19 -11.05
C ASN J 104 15.67 -0.96 -10.96
N ALA J 105 15.12 -0.74 -9.77
CA ALA J 105 14.21 0.37 -9.53
C ALA J 105 14.85 1.74 -9.35
N PHE J 106 14.16 2.75 -9.86
CA PHE J 106 14.60 4.14 -9.77
C PHE J 106 13.44 5.08 -10.13
N ARG J 107 13.49 6.32 -9.63
CA ARG J 107 12.47 7.31 -9.93
C ARG J 107 13.14 8.46 -10.66
N VAL J 108 12.43 9.03 -11.64
CA VAL J 108 12.98 10.13 -12.40
C VAL J 108 12.30 11.45 -12.05
N TYR J 109 13.11 12.48 -11.82
CA TYR J 109 12.61 13.80 -11.46
C TYR J 109 13.22 14.88 -12.36
N ARG J 110 12.49 15.97 -12.53
CA ARG J 110 12.93 17.09 -13.36
C ARG J 110 12.76 18.37 -12.57
N MET J 111 13.84 19.14 -12.42
CA MET J 111 13.79 20.40 -11.71
C MET J 111 13.29 21.50 -12.64
N LEU J 112 12.10 22.03 -12.34
CA LEU J 112 11.47 23.07 -13.14
C LEU J 112 12.25 24.39 -13.15
N PRO J 113 12.41 25.00 -14.35
CA PRO J 113 13.12 26.26 -14.59
C PRO J 113 12.80 27.37 -13.59
N ARG K 5 -8.48 41.04 27.24
CA ARG K 5 -9.01 39.63 27.25
C ARG K 5 -8.11 38.72 28.06
N MET K 6 -8.66 37.60 28.49
CA MET K 6 -7.93 36.63 29.29
C MET K 6 -6.88 35.90 28.43
N ARG K 7 -5.66 35.80 28.97
CA ARG K 7 -4.56 35.13 28.29
C ARG K 7 -4.85 33.64 28.15
N MET K 8 -4.08 32.97 27.31
CA MET K 8 -4.31 31.56 27.06
C MET K 8 -4.27 30.62 28.27
N ARG K 9 -3.21 30.66 29.07
CA ARG K 9 -3.12 29.78 30.23
C ARG K 9 -4.32 29.89 31.18
N PRO K 10 -4.58 31.08 31.74
CA PRO K 10 -5.72 31.19 32.66
C PRO K 10 -7.04 30.81 31.96
N TRP K 11 -7.10 31.05 30.66
CA TRP K 11 -8.29 30.71 29.88
C TRP K 11 -8.40 29.19 29.77
N LEU K 12 -7.25 28.52 29.62
CA LEU K 12 -7.20 27.08 29.50
C LEU K 12 -7.65 26.38 30.77
N GLU K 13 -7.11 26.81 31.92
CA GLU K 13 -7.48 26.21 33.21
C GLU K 13 -8.99 26.29 33.43
N GLU K 14 -9.57 27.42 33.04
CA GLU K 14 -11.00 27.64 33.18
C GLU K 14 -11.78 26.71 32.26
N GLN K 15 -11.19 26.38 31.11
CA GLN K 15 -11.81 25.48 30.14
C GLN K 15 -11.80 24.04 30.68
N ILE K 16 -10.67 23.63 31.22
CA ILE K 16 -10.53 22.28 31.76
C ILE K 16 -11.57 22.09 32.86
N ASN K 17 -11.64 23.04 33.77
CA ASN K 17 -12.58 22.98 34.90
C ASN K 17 -14.04 23.12 34.51
N SER K 18 -14.31 23.66 33.32
CA SER K 18 -15.68 23.83 32.85
C SER K 18 -16.41 22.50 32.63
N ASN K 19 -15.62 21.43 32.48
CA ASN K 19 -16.18 20.09 32.26
C ASN K 19 -17.13 20.01 31.07
N THR K 20 -16.96 20.90 30.10
CA THR K 20 -17.81 20.90 28.90
C THR K 20 -17.06 20.37 27.68
N ILE K 21 -15.73 20.39 27.73
CA ILE K 21 -14.92 19.93 26.62
C ILE K 21 -14.62 18.43 26.74
N PRO K 22 -15.16 17.62 25.81
CA PRO K 22 -14.97 16.17 25.78
C PRO K 22 -13.49 15.78 25.71
N GLY K 23 -13.01 15.05 26.70
CA GLY K 23 -11.63 14.62 26.70
C GLY K 23 -10.64 15.56 27.39
N LEU K 24 -11.04 16.82 27.55
CA LEU K 24 -10.21 17.81 28.22
C LEU K 24 -10.39 17.65 29.72
N LYS K 25 -9.37 17.12 30.39
CA LYS K 25 -9.43 16.88 31.83
C LYS K 25 -8.05 16.90 32.46
N TRP K 26 -8.03 17.00 33.78
CA TRP K 26 -6.78 16.98 34.52
C TRP K 26 -6.39 15.52 34.76
N LEU K 27 -5.09 15.24 34.65
CA LEU K 27 -4.58 13.91 34.93
C LEU K 27 -4.04 13.98 36.36
N ASN K 28 -3.73 15.20 36.78
CA ASN K 28 -3.21 15.50 38.11
C ASN K 28 -3.43 17.00 38.33
N LYS K 29 -4.63 17.37 38.76
CA LYS K 29 -4.97 18.77 39.02
C LYS K 29 -4.00 19.41 40.01
N GLU K 30 -3.45 18.58 40.87
CA GLU K 30 -2.50 19.01 41.88
C GLU K 30 -1.22 19.54 41.24
N LYS K 31 -0.57 18.70 40.44
CA LYS K 31 0.66 19.06 39.74
C LYS K 31 0.37 19.73 38.39
N LYS K 32 -0.90 20.07 38.18
CA LYS K 32 -1.38 20.72 36.97
C LYS K 32 -1.07 20.01 35.65
N ILE K 33 -1.13 18.69 35.67
CA ILE K 33 -0.90 17.88 34.48
C ILE K 33 -2.28 17.61 33.90
N PHE K 34 -2.42 17.77 32.59
CA PHE K 34 -3.71 17.54 31.91
C PHE K 34 -3.53 17.01 30.50
N GLN K 35 -4.65 16.67 29.87
CA GLN K 35 -4.60 16.17 28.50
C GLN K 35 -5.63 16.86 27.62
N ILE K 36 -5.22 17.14 26.39
CA ILE K 36 -6.08 17.78 25.42
C ILE K 36 -6.33 16.75 24.32
N PRO K 37 -7.60 16.50 23.99
CA PRO K 37 -7.91 15.53 22.93
C PRO K 37 -7.27 16.02 21.63
N TRP K 38 -6.60 15.12 20.92
CA TRP K 38 -5.91 15.48 19.69
C TRP K 38 -6.15 14.52 18.53
N MET K 39 -7.41 14.10 18.33
CA MET K 39 -7.70 13.18 17.24
C MET K 39 -7.53 13.84 15.88
N HIS K 40 -6.77 13.19 15.02
CA HIS K 40 -6.50 13.66 13.66
C HIS K 40 -7.82 13.86 12.91
N ALA K 41 -7.98 15.01 12.28
CA ALA K 41 -9.21 15.33 11.54
C ALA K 41 -9.53 14.45 10.33
N ALA K 42 -8.50 13.80 9.77
CA ALA K 42 -8.70 12.92 8.62
C ALA K 42 -9.08 11.49 9.03
N ARG K 43 -9.03 11.22 10.34
CA ARG K 43 -9.36 9.90 10.84
C ARG K 43 -10.86 9.67 11.02
N HIS K 44 -11.31 8.47 10.66
CA HIS K 44 -12.70 8.07 10.79
C HIS K 44 -13.08 8.18 12.26
N GLY K 45 -14.22 8.82 12.54
CA GLY K 45 -14.65 8.97 13.91
C GLY K 45 -14.56 10.42 14.36
N TRP K 46 -13.67 11.19 13.70
CA TRP K 46 -13.51 12.60 14.01
C TRP K 46 -14.82 13.32 13.71
N ASP K 47 -15.14 14.31 14.53
CA ASP K 47 -16.36 15.10 14.41
C ASP K 47 -16.04 16.48 14.98
N VAL K 48 -16.43 17.54 14.27
CA VAL K 48 -16.17 18.92 14.71
C VAL K 48 -16.66 19.24 16.13
N GLU K 49 -17.85 18.74 16.48
CA GLU K 49 -18.43 18.97 17.79
C GLU K 49 -17.71 18.23 18.92
N LYS K 50 -17.23 17.04 18.60
CA LYS K 50 -16.55 16.19 19.57
C LYS K 50 -15.06 16.48 19.76
N ASP K 51 -14.37 16.71 18.65
CA ASP K 51 -12.93 16.91 18.70
C ASP K 51 -12.38 18.32 18.57
N ALA K 52 -13.17 19.24 18.04
CA ALA K 52 -12.70 20.61 17.87
C ALA K 52 -13.30 21.73 18.75
N PRO K 53 -14.20 21.41 19.69
CA PRO K 53 -14.75 22.50 20.51
C PRO K 53 -13.76 23.40 21.26
N LEU K 54 -12.66 22.84 21.75
CA LEU K 54 -11.66 23.62 22.48
C LEU K 54 -10.96 24.60 21.55
N PHE K 55 -10.56 24.11 20.38
CA PHE K 55 -9.87 24.92 19.38
C PHE K 55 -10.79 26.04 18.88
N ARG K 56 -12.07 25.71 18.76
CA ARG K 56 -13.07 26.67 18.31
C ARG K 56 -13.28 27.77 19.35
N ASN K 57 -13.36 27.37 20.62
CA ASN K 57 -13.55 28.34 21.71
C ASN K 57 -12.41 29.34 21.74
N TRP K 58 -11.21 28.89 21.40
CA TRP K 58 -10.06 29.78 21.38
C TRP K 58 -10.22 30.75 20.21
N ALA K 59 -10.73 30.25 19.09
CA ALA K 59 -10.96 31.04 17.90
C ALA K 59 -11.99 32.13 18.18
N ILE K 60 -13.05 31.76 18.89
CA ILE K 60 -14.12 32.68 19.26
C ILE K 60 -13.58 33.68 20.28
N HIS K 61 -12.90 33.17 21.30
CA HIS K 61 -12.33 33.99 22.36
C HIS K 61 -11.36 35.03 21.83
N THR K 62 -10.59 34.68 20.81
CA THR K 62 -9.61 35.59 20.24
C THR K 62 -10.12 36.32 18.99
N GLY K 63 -11.44 36.32 18.81
CA GLY K 63 -12.06 37.00 17.68
C GLY K 63 -11.74 36.49 16.28
N LYS K 64 -11.11 35.32 16.18
CA LYS K 64 -10.74 34.74 14.89
C LYS K 64 -11.87 33.92 14.24
N HIS K 65 -12.96 33.74 14.99
CA HIS K 65 -14.12 33.00 14.48
C HIS K 65 -15.42 33.55 15.00
N GLN K 66 -16.34 33.82 14.08
CA GLN K 66 -17.65 34.35 14.44
C GLN K 66 -18.72 33.39 13.95
N PRO K 67 -19.30 32.59 14.86
CA PRO K 67 -20.34 31.61 14.54
C PRO K 67 -21.47 32.22 13.74
N GLY K 68 -21.87 31.52 12.67
CA GLY K 68 -22.96 31.99 11.82
C GLY K 68 -22.50 32.94 10.72
N ILE K 69 -21.29 33.47 10.87
CA ILE K 69 -20.71 34.40 9.90
C ILE K 69 -19.56 33.72 9.16
N ASP K 70 -18.60 33.20 9.93
CA ASP K 70 -17.43 32.52 9.38
C ASP K 70 -17.68 31.02 9.24
N LYS K 71 -17.24 30.47 8.12
CA LYS K 71 -17.37 29.05 7.83
C LYS K 71 -16.39 28.33 8.75
N PRO K 72 -16.82 27.25 9.40
CA PRO K 72 -15.97 26.48 10.32
C PRO K 72 -14.63 26.15 9.67
N ASP K 73 -13.55 26.30 10.43
CA ASP K 73 -12.21 26.02 9.93
C ASP K 73 -11.38 25.38 11.03
N PRO K 74 -11.70 24.11 11.38
CA PRO K 74 -11.02 23.32 12.41
C PRO K 74 -9.52 23.17 12.19
N LYS K 75 -9.09 23.17 10.93
CA LYS K 75 -7.66 23.06 10.62
C LYS K 75 -6.90 24.24 11.18
N THR K 76 -7.43 25.44 10.94
CA THR K 76 -6.80 26.67 11.41
C THR K 76 -7.01 26.84 12.91
N TRP K 77 -8.18 26.46 13.40
CA TRP K 77 -8.47 26.56 14.83
C TRP K 77 -7.44 25.73 15.59
N LYS K 78 -7.18 24.53 15.08
CA LYS K 78 -6.23 23.62 15.69
C LYS K 78 -4.79 24.09 15.56
N ALA K 79 -4.43 24.60 14.38
CA ALA K 79 -3.08 25.10 14.12
C ALA K 79 -2.77 26.32 14.99
N ASN K 80 -3.72 27.26 15.04
CA ASN K 80 -3.59 28.47 15.85
C ASN K 80 -3.45 28.12 17.32
N PHE K 81 -4.27 27.18 17.78
CA PHE K 81 -4.26 26.73 19.16
C PHE K 81 -2.89 26.13 19.51
N ARG K 82 -2.43 25.19 18.69
CA ARG K 82 -1.15 24.54 18.90
C ARG K 82 0.01 25.54 18.88
N CYS K 83 0.00 26.44 17.91
CA CYS K 83 1.07 27.43 17.82
C CYS K 83 1.03 28.34 19.04
N ALA K 84 -0.16 28.71 19.49
CA ALA K 84 -0.28 29.56 20.67
C ALA K 84 0.30 28.82 21.88
N MET K 85 -0.06 27.54 22.02
CA MET K 85 0.41 26.69 23.12
C MET K 85 1.93 26.57 23.11
N ASN K 86 2.49 26.40 21.91
CA ASN K 86 3.94 26.26 21.75
C ASN K 86 4.67 27.48 22.30
N SER K 87 4.08 28.65 22.09
CA SER K 87 4.68 29.91 22.52
C SER K 87 4.64 30.17 24.02
N LEU K 88 3.66 29.60 24.70
CA LEU K 88 3.50 29.77 26.14
C LEU K 88 4.73 29.34 26.93
N PRO K 89 5.20 30.19 27.86
CA PRO K 89 6.37 29.86 28.67
C PRO K 89 6.03 29.01 29.90
N ASP K 90 4.82 29.16 30.41
CA ASP K 90 4.39 28.44 31.61
C ASP K 90 3.52 27.21 31.38
N ILE K 91 3.62 26.63 30.20
CA ILE K 91 2.90 25.40 29.85
C ILE K 91 3.81 24.66 28.89
N GLU K 92 3.97 23.35 29.08
CA GLU K 92 4.79 22.57 28.18
C GLU K 92 4.33 21.13 28.09
N GLU K 93 4.55 20.54 26.93
CA GLU K 93 4.14 19.16 26.69
C GLU K 93 5.08 18.12 27.28
N VAL K 94 4.49 17.06 27.80
CA VAL K 94 5.24 15.92 28.33
C VAL K 94 4.95 14.87 27.26
N LYS K 95 5.82 14.88 26.25
CA LYS K 95 5.72 14.00 25.08
C LYS K 95 5.77 12.50 25.32
N ASP K 96 6.42 12.07 26.39
CA ASP K 96 6.51 10.65 26.71
C ASP K 96 5.18 10.06 27.15
N ARG K 97 4.19 10.93 27.34
CA ARG K 97 2.85 10.50 27.76
C ARG K 97 1.81 10.78 26.68
N SER K 98 2.13 11.67 25.75
CA SER K 98 1.23 12.01 24.66
C SER K 98 1.19 10.92 23.61
N ILE K 99 0.04 10.75 22.98
CA ILE K 99 -0.14 9.78 21.90
C ILE K 99 -1.03 10.53 20.92
N LYS K 100 -0.42 11.29 20.00
CA LYS K 100 -1.19 12.08 19.04
C LYS K 100 -1.68 11.37 17.79
N LYS K 101 -1.65 10.04 17.79
CA LYS K 101 -2.14 9.27 16.67
C LYS K 101 -3.02 8.12 17.17
N GLY K 102 -4.01 7.74 16.37
CA GLY K 102 -4.93 6.68 16.77
C GLY K 102 -6.28 7.24 17.13
N ASN K 103 -7.20 6.40 17.58
CA ASN K 103 -8.55 6.83 17.95
C ASN K 103 -8.55 7.63 19.25
N ASN K 104 -7.80 7.15 20.23
CA ASN K 104 -7.71 7.81 21.53
C ASN K 104 -6.47 8.70 21.53
N ALA K 105 -6.43 9.63 20.58
CA ALA K 105 -5.31 10.55 20.45
C ALA K 105 -5.46 11.76 21.37
N PHE K 106 -4.39 12.07 22.08
CA PHE K 106 -4.36 13.20 23.01
C PHE K 106 -2.92 13.63 23.24
N ARG K 107 -2.76 14.87 23.70
CA ARG K 107 -1.44 15.40 24.01
C ARG K 107 -1.48 15.80 25.47
N VAL K 108 -0.46 15.39 26.22
CA VAL K 108 -0.40 15.71 27.63
C VAL K 108 0.45 16.95 27.85
N TYR K 109 -0.03 17.84 28.71
CA TYR K 109 0.68 19.07 29.03
C TYR K 109 0.74 19.25 30.54
N ARG K 110 1.69 20.06 30.98
CA ARG K 110 1.87 20.35 32.40
C ARG K 110 2.07 21.85 32.57
N MET K 111 1.24 22.45 33.40
CA MET K 111 1.36 23.88 33.66
C MET K 111 2.43 24.12 34.71
N LEU K 112 3.46 24.86 34.31
CA LEU K 112 4.57 25.19 35.18
C LEU K 112 4.14 26.25 36.19
N PRO K 113 4.37 25.99 37.49
CA PRO K 113 4.00 26.93 38.54
C PRO K 113 4.63 28.31 38.30
N ARG L 5 14.75 64.94 12.28
CA ARG L 5 13.71 65.69 13.03
C ARG L 5 12.44 65.79 12.20
N MET L 6 12.55 65.53 10.90
CA MET L 6 11.40 65.59 10.01
C MET L 6 10.45 64.47 10.40
N ARG L 7 9.20 64.82 10.65
CA ARG L 7 8.20 63.85 11.06
C ARG L 7 7.82 62.87 9.94
N MET L 8 7.17 61.77 10.33
CA MET L 8 6.80 60.72 9.40
C MET L 8 5.98 61.10 8.16
N ARG L 9 4.96 61.94 8.32
CA ARG L 9 4.16 62.33 7.16
C ARG L 9 4.95 63.06 6.07
N PRO L 10 5.59 64.20 6.40
CA PRO L 10 6.36 64.90 5.37
C PRO L 10 7.53 64.07 4.85
N TRP L 11 8.08 63.22 5.71
CA TRP L 11 9.18 62.34 5.34
C TRP L 11 8.71 61.31 4.32
N LEU L 12 7.54 60.72 4.59
CA LEU L 12 6.95 59.70 3.73
C LEU L 12 6.58 60.29 2.37
N GLU L 13 5.96 61.47 2.39
CA GLU L 13 5.56 62.16 1.17
C GLU L 13 6.79 62.44 0.31
N GLU L 14 7.91 62.70 0.98
CA GLU L 14 9.17 62.97 0.31
C GLU L 14 9.74 61.68 -0.29
N GLN L 15 9.60 60.57 0.44
CA GLN L 15 10.07 59.26 -0.03
C GLN L 15 9.29 58.84 -1.28
N ILE L 16 7.99 59.12 -1.30
CA ILE L 16 7.15 58.76 -2.43
C ILE L 16 7.55 59.57 -3.65
N ASN L 17 7.68 60.88 -3.46
CA ASN L 17 8.05 61.80 -4.53
C ASN L 17 9.49 61.67 -5.03
N SER L 18 10.32 60.92 -4.31
CA SER L 18 11.71 60.74 -4.71
C SER L 18 11.89 59.74 -5.85
N ASN L 19 10.96 58.80 -5.97
CA ASN L 19 10.99 57.75 -7.01
C ASN L 19 12.22 56.86 -6.89
N THR L 20 12.65 56.59 -5.65
CA THR L 20 13.80 55.73 -5.40
C THR L 20 13.38 54.41 -4.75
N ILE L 21 12.14 54.39 -4.25
CA ILE L 21 11.58 53.20 -3.60
C ILE L 21 10.67 52.44 -4.55
N PRO L 22 11.02 51.17 -4.86
CA PRO L 22 10.23 50.32 -5.76
C PRO L 22 8.80 50.08 -5.26
N GLY L 23 7.83 50.34 -6.13
CA GLY L 23 6.43 50.12 -5.76
C GLY L 23 5.75 51.22 -4.96
N LEU L 24 6.53 52.09 -4.34
CA LEU L 24 5.97 53.19 -3.56
C LEU L 24 5.57 54.30 -4.53
N LYS L 25 4.28 54.39 -4.82
CA LYS L 25 3.78 55.39 -5.76
C LYS L 25 2.42 55.93 -5.35
N TRP L 26 2.05 57.07 -5.95
CA TRP L 26 0.76 57.69 -5.68
C TRP L 26 -0.27 57.05 -6.60
N LEU L 27 -1.44 56.74 -6.07
CA LEU L 27 -2.54 56.19 -6.86
C LEU L 27 -3.33 57.40 -7.34
N ASN L 28 -3.21 58.49 -6.57
CA ASN L 28 -3.85 59.77 -6.86
C ASN L 28 -3.07 60.76 -6.00
N LYS L 29 -2.12 61.45 -6.63
CA LYS L 29 -1.28 62.41 -5.92
C LYS L 29 -2.03 63.58 -5.28
N GLU L 30 -3.05 64.08 -5.98
CA GLU L 30 -3.84 65.20 -5.49
C GLU L 30 -4.58 64.85 -4.20
N LYS L 31 -5.26 63.71 -4.20
CA LYS L 31 -6.01 63.26 -3.03
C LYS L 31 -5.10 62.57 -2.01
N LYS L 32 -3.81 62.50 -2.33
CA LYS L 32 -2.80 61.90 -1.47
C LYS L 32 -3.03 60.44 -1.06
N ILE L 33 -3.43 59.63 -2.03
CA ILE L 33 -3.66 58.21 -1.84
C ILE L 33 -2.45 57.54 -2.46
N PHE L 34 -1.75 56.70 -1.70
CA PHE L 34 -0.55 56.02 -2.21
C PHE L 34 -0.47 54.56 -1.79
N GLN L 35 0.35 53.80 -2.50
CA GLN L 35 0.53 52.38 -2.21
C GLN L 35 1.93 52.10 -1.67
N ILE L 36 2.02 51.14 -0.76
CA ILE L 36 3.28 50.75 -0.17
C ILE L 36 3.48 49.26 -0.37
N PRO L 37 4.60 48.85 -0.98
CA PRO L 37 4.83 47.42 -1.17
C PRO L 37 4.88 46.76 0.21
N TRP L 38 4.17 45.65 0.35
CA TRP L 38 4.08 44.96 1.64
C TRP L 38 4.16 43.44 1.49
N MET L 39 5.14 42.97 0.72
CA MET L 39 5.32 41.54 0.51
C MET L 39 5.88 40.86 1.75
N HIS L 40 5.29 39.74 2.13
CA HIS L 40 5.72 38.96 3.28
C HIS L 40 7.18 38.55 3.03
N ALA L 41 8.05 38.85 3.99
CA ALA L 41 9.47 38.54 3.86
C ALA L 41 9.84 37.06 3.75
N ALA L 42 8.91 36.18 4.11
CA ALA L 42 9.14 34.73 4.04
C ALA L 42 8.71 34.17 2.68
N ARG L 43 7.98 34.96 1.91
CA ARG L 43 7.51 34.55 0.59
C ARG L 43 8.68 34.53 -0.38
N HIS L 44 8.72 33.50 -1.23
CA HIS L 44 9.79 33.35 -2.22
C HIS L 44 9.80 34.52 -3.19
N GLY L 45 10.98 35.12 -3.35
CA GLY L 45 11.11 36.26 -4.24
C GLY L 45 11.43 37.55 -3.51
N TRP L 46 11.27 37.53 -2.19
CA TRP L 46 11.54 38.70 -1.35
C TRP L 46 13.04 39.00 -1.31
N ASP L 47 13.35 40.29 -1.36
CA ASP L 47 14.72 40.80 -1.32
C ASP L 47 14.73 42.06 -0.47
N VAL L 48 15.79 42.25 0.32
CA VAL L 48 15.88 43.42 1.18
C VAL L 48 15.92 44.75 0.43
N GLU L 49 16.67 44.80 -0.67
CA GLU L 49 16.79 46.03 -1.47
C GLU L 49 15.51 46.36 -2.22
N LYS L 50 14.81 45.33 -2.67
CA LYS L 50 13.58 45.49 -3.42
C LYS L 50 12.34 45.74 -2.56
N ASP L 51 12.26 45.04 -1.43
CA ASP L 51 11.08 45.13 -0.56
C ASP L 51 11.20 45.87 0.77
N ALA L 52 12.40 45.99 1.31
CA ALA L 52 12.58 46.68 2.59
C ALA L 52 13.22 48.07 2.61
N PRO L 53 13.56 48.66 1.43
CA PRO L 53 14.20 49.98 1.48
C PRO L 53 13.45 51.10 2.22
N LEU L 54 12.14 51.19 2.05
CA LEU L 54 11.36 52.22 2.72
C LEU L 54 11.43 52.04 4.23
N PHE L 55 11.37 50.77 4.66
CA PHE L 55 11.42 50.42 6.07
C PHE L 55 12.80 50.72 6.63
N ARG L 56 13.82 50.45 5.83
CA ARG L 56 15.20 50.71 6.23
C ARG L 56 15.45 52.21 6.34
N ASN L 57 14.92 52.97 5.40
CA ASN L 57 15.10 54.42 5.41
C ASN L 57 14.50 55.06 6.65
N TRP L 58 13.35 54.55 7.11
CA TRP L 58 12.74 55.09 8.32
C TRP L 58 13.60 54.74 9.52
N ALA L 59 14.18 53.55 9.50
CA ALA L 59 15.04 53.10 10.60
C ALA L 59 16.28 54.00 10.68
N ILE L 60 16.90 54.24 9.54
CA ILE L 60 18.09 55.08 9.47
C ILE L 60 17.72 56.50 9.91
N HIS L 61 16.58 56.98 9.43
CA HIS L 61 16.09 58.32 9.75
C HIS L 61 15.83 58.49 11.24
N THR L 62 15.39 57.43 11.89
CA THR L 62 15.09 57.46 13.32
C THR L 62 16.20 56.91 14.24
N GLY L 63 17.37 56.67 13.67
CA GLY L 63 18.50 56.17 14.44
C GLY L 63 18.48 54.70 14.83
N LYS L 64 17.53 53.94 14.27
CA LYS L 64 17.42 52.53 14.58
C LYS L 64 18.33 51.66 13.72
N HIS L 65 18.99 52.27 12.74
CA HIS L 65 19.91 51.55 11.88
C HIS L 65 21.02 52.45 11.33
N GLN L 66 22.24 51.90 11.34
CA GLN L 66 23.41 52.59 10.84
C GLN L 66 24.10 51.60 9.90
N PRO L 67 23.97 51.81 8.58
CA PRO L 67 24.60 50.90 7.61
C PRO L 67 26.08 50.69 7.91
N GLY L 68 26.52 49.43 7.87
CA GLY L 68 27.90 49.11 8.14
C GLY L 68 28.15 48.78 9.61
N ILE L 69 27.47 49.52 10.49
CA ILE L 69 27.60 49.31 11.93
C ILE L 69 26.61 48.25 12.40
N ASP L 70 25.32 48.50 12.19
CA ASP L 70 24.26 47.57 12.60
C ASP L 70 24.01 46.45 11.59
N LYS L 71 23.67 45.27 12.11
CA LYS L 71 23.35 44.12 11.27
C LYS L 71 21.91 44.32 10.81
N PRO L 72 21.66 44.26 9.49
CA PRO L 72 20.32 44.43 8.91
C PRO L 72 19.22 43.68 9.66
N ASP L 73 18.16 44.40 10.00
CA ASP L 73 17.04 43.82 10.72
C ASP L 73 15.70 44.23 10.09
N PRO L 74 15.42 43.73 8.87
CA PRO L 74 14.19 44.01 8.12
C PRO L 74 12.91 43.76 8.90
N LYS L 75 12.91 42.68 9.68
CA LYS L 75 11.75 42.30 10.49
C LYS L 75 11.34 43.42 11.44
N THR L 76 12.31 43.95 12.18
CA THR L 76 12.05 45.03 13.12
C THR L 76 11.77 46.36 12.44
N TRP L 77 12.46 46.61 11.32
CA TRP L 77 12.26 47.85 10.57
C TRP L 77 10.80 47.94 10.12
N LYS L 78 10.28 46.84 9.58
CA LYS L 78 8.90 46.77 9.11
C LYS L 78 7.90 46.90 10.26
N ALA L 79 8.16 46.22 11.38
CA ALA L 79 7.28 46.28 12.55
C ALA L 79 7.23 47.72 13.06
N ASN L 80 8.39 48.34 13.21
CA ASN L 80 8.50 49.71 13.67
C ASN L 80 7.73 50.66 12.75
N PHE L 81 7.94 50.51 11.44
CA PHE L 81 7.28 51.32 10.43
C PHE L 81 5.76 51.18 10.52
N ARG L 82 5.30 49.94 10.64
CA ARG L 82 3.87 49.67 10.74
C ARG L 82 3.27 50.30 11.97
N CYS L 83 3.93 50.13 13.12
CA CYS L 83 3.42 50.70 14.37
C CYS L 83 3.40 52.23 14.31
N ALA L 84 4.44 52.83 13.72
CA ALA L 84 4.52 54.28 13.58
C ALA L 84 3.34 54.75 12.71
N MET L 85 3.11 54.05 11.60
CA MET L 85 2.00 54.37 10.69
C MET L 85 0.68 54.27 11.44
N ASN L 86 0.52 53.20 12.23
CA ASN L 86 -0.69 52.99 13.02
C ASN L 86 -0.95 54.15 13.97
N SER L 87 0.12 54.70 14.56
CA SER L 87 0.02 55.82 15.50
C SER L 87 -0.36 57.14 14.85
N LEU L 88 0.09 57.35 13.61
CA LEU L 88 -0.18 58.58 12.85
C LEU L 88 -1.66 58.96 12.81
N PRO L 89 -2.00 60.15 13.33
CA PRO L 89 -3.39 60.62 13.34
C PRO L 89 -3.94 61.06 11.98
N ASP L 90 -3.06 61.55 11.10
CA ASP L 90 -3.49 62.04 9.79
C ASP L 90 -3.18 61.17 8.56
N ILE L 91 -2.86 59.90 8.78
CA ILE L 91 -2.63 58.99 7.66
C ILE L 91 -3.33 57.69 8.01
N GLU L 92 -4.36 57.34 7.25
CA GLU L 92 -5.11 56.11 7.52
C GLU L 92 -5.06 55.15 6.35
N GLU L 93 -5.17 53.87 6.68
CA GLU L 93 -5.13 52.82 5.67
C GLU L 93 -6.45 52.73 4.91
N VAL L 94 -6.34 52.56 3.60
CA VAL L 94 -7.47 52.41 2.70
C VAL L 94 -7.61 50.92 2.39
N LYS L 95 -8.85 50.44 2.34
CA LYS L 95 -9.11 49.03 2.06
C LYS L 95 -9.96 48.78 0.82
N ASP L 96 -10.01 49.78 -0.07
CA ASP L 96 -10.79 49.69 -1.30
C ASP L 96 -10.17 48.75 -2.33
N ARG L 97 -8.89 48.98 -2.67
CA ARG L 97 -8.17 48.15 -3.65
C ARG L 97 -6.75 47.86 -3.16
N SER L 98 -6.64 47.20 -2.01
CA SER L 98 -5.34 46.86 -1.43
C SER L 98 -5.02 45.37 -1.53
N ILE L 99 -5.00 44.87 -2.76
CA ILE L 99 -4.71 43.47 -3.05
C ILE L 99 -3.32 43.07 -2.54
N LYS L 100 -3.19 41.82 -2.11
CA LYS L 100 -1.92 41.30 -1.61
C LYS L 100 -1.64 39.89 -2.12
N LYS L 101 -1.80 39.71 -3.44
CA LYS L 101 -1.60 38.42 -4.09
C LYS L 101 -0.13 38.17 -4.49
N GLY L 102 0.70 37.87 -3.50
CA GLY L 102 2.11 37.61 -3.75
C GLY L 102 2.92 38.82 -4.18
N ASN L 103 3.15 38.94 -5.49
CA ASN L 103 3.90 40.05 -6.08
C ASN L 103 3.16 41.37 -5.91
N ASN L 104 1.83 41.30 -5.98
CA ASN L 104 1.00 42.49 -5.82
C ASN L 104 0.45 42.62 -4.40
N ALA L 105 1.35 42.54 -3.42
CA ALA L 105 1.01 42.67 -2.01
C ALA L 105 1.33 44.11 -1.62
N PHE L 106 0.28 44.91 -1.42
CA PHE L 106 0.44 46.31 -1.07
C PHE L 106 -0.51 46.76 0.02
N ARG L 107 -0.22 47.93 0.56
CA ARG L 107 -1.06 48.55 1.57
C ARG L 107 -1.34 49.95 1.04
N VAL L 108 -2.61 50.25 0.80
CA VAL L 108 -2.98 51.56 0.30
C VAL L 108 -3.28 52.46 1.49
N TYR L 109 -2.66 53.65 1.50
CA TYR L 109 -2.87 54.62 2.57
C TYR L 109 -3.28 55.94 1.95
N ARG L 110 -3.91 56.77 2.77
CA ARG L 110 -4.35 58.09 2.34
C ARG L 110 -4.03 59.09 3.42
N MET L 111 -3.41 60.19 3.03
CA MET L 111 -3.07 61.25 3.97
C MET L 111 -4.26 62.21 4.11
N LEU L 112 -4.83 62.25 5.31
CA LEU L 112 -5.97 63.11 5.61
C LEU L 112 -5.58 64.58 5.49
N PRO L 113 -6.25 65.31 4.60
CA PRO L 113 -6.01 66.74 4.35
C PRO L 113 -6.39 67.61 5.54
#